data_3PIJ
#
_entry.id   3PIJ
#
_cell.length_a   86.765
_cell.length_b   86.765
_cell.length_c   223.868
_cell.angle_alpha   90.00
_cell.angle_beta   90.00
_cell.angle_gamma   120.00
#
_symmetry.space_group_name_H-M   'P 31 2 1'
#
loop_
_entity.id
_entity.type
_entity.pdbx_description
1 polymer Beta-fructofuranosidase
2 non-polymer beta-D-fructofuranose
3 non-polymer 'CHLORIDE ION'
4 water water
#
_entity_poly.entity_id   1
_entity_poly.type   'polypeptide(L)'
_entity_poly.pdbx_seq_one_letter_code
;MTDFTPETPVLTPIRDHAAELAKAEAGVAEMAAKRNNRWYPKYHIASNGGWINDPNGLCFYKGRWHVFYQLHPYGTQWGP
MHWGHVSSTDMLNWKREPIMFAPSLEQEKDGVFSGSAVIDDNGDLRFYYTGHRWANGHDNTGGDWQVQMTALPDNDELTS
ATKQGMIIDCPTDKVDHHYRDPKVWKTGDTWYMTFGVSSADKRGQMWLFSSKDMVRWEYERVLFQHPDPDVFMLECPDFS
PIKDKDGNEKWVIGFSAMGSKPSGFMNRNVSNAGYMIGTWEPGGEFKPETEFRLWDCGHNYYAPQSFNVDGRQIVYGWMS
PFVQPIPMEDDGWCGQLTLPREITLGDDGDVVTAPVAEMEGLREDTLDHGSVTLDMDGEQIIADDAEAVEIEMTIDLAAS
TAERAGLKIHATEDGAYTYVAYDGQIGRVVVDRQAMANGDRGYRAAPLTDAELASGKLDLRVFVDRGSVEVYVNGGHQVL
SSYSYASEGPRAIKLVAESGSLKVDSLKLHHMKSIGLELEHHHHHH
;
_entity_poly.pdbx_strand_id   A,B
#
# COMPACT_ATOMS: atom_id res chain seq x y z
N MET A 1 23.72 54.14 4.72
CA MET A 1 24.00 52.78 5.31
C MET A 1 22.88 51.77 5.02
N THR A 2 22.95 51.17 3.84
CA THR A 2 22.02 50.13 3.40
C THR A 2 22.67 48.77 3.70
N ASP A 3 24.00 48.78 3.97
CA ASP A 3 24.77 47.60 4.39
C ASP A 3 23.87 46.84 5.37
N PHE A 4 23.90 45.53 5.30
CA PHE A 4 22.77 44.81 5.85
C PHE A 4 22.92 44.38 7.31
N THR A 5 24.01 44.76 7.97
CA THR A 5 24.23 44.48 9.38
C THR A 5 24.41 45.81 10.16
N PRO A 6 23.30 46.42 10.62
CA PRO A 6 23.44 47.66 11.41
C PRO A 6 24.37 47.52 12.65
N GLU A 7 25.16 48.57 12.93
CA GLU A 7 26.02 48.66 14.10
C GLU A 7 25.20 48.61 15.40
N THR A 8 23.97 49.14 15.35
CA THR A 8 23.08 49.07 16.53
C THR A 8 21.68 48.84 15.98
N PRO A 9 20.80 48.18 16.76
CA PRO A 9 19.49 47.79 16.25
C PRO A 9 18.68 48.98 15.80
N VAL A 10 17.80 48.74 14.81
CA VAL A 10 16.97 49.78 14.22
C VAL A 10 15.58 49.49 14.79
N LEU A 11 15.17 50.34 15.72
CA LEU A 11 13.92 50.20 16.44
C LEU A 11 12.89 51.21 15.85
N THR A 12 11.76 50.72 15.35
CA THR A 12 10.79 51.55 14.59
C THR A 12 9.35 51.25 14.97
N PRO A 13 8.87 51.72 16.13
CA PRO A 13 7.51 51.40 16.57
C PRO A 13 6.44 52.07 15.75
N ILE A 14 5.36 51.37 15.47
CA ILE A 14 4.28 51.96 14.68
C ILE A 14 2.92 51.69 15.25
N ARG A 15 2.86 50.75 16.18
CA ARG A 15 1.61 50.39 16.86
C ARG A 15 1.83 50.24 18.37
N ASP A 16 0.76 50.40 19.12
CA ASP A 16 0.70 50.16 20.59
C ASP A 16 0.72 48.63 20.83
N HIS A 17 1.82 48.10 21.28
CA HIS A 17 1.95 46.63 21.45
C HIS A 17 0.94 46.08 22.46
N ALA A 18 0.79 46.74 23.61
CA ALA A 18 -0.18 46.29 24.61
C ALA A 18 -1.60 46.20 24.01
N ALA A 19 -2.01 47.20 23.23
CA ALA A 19 -3.33 47.22 22.64
C ALA A 19 -3.45 46.11 21.58
N GLU A 20 -2.42 45.91 20.74
CA GLU A 20 -2.45 44.82 19.79
C GLU A 20 -2.51 43.44 20.52
N LEU A 21 -1.75 43.27 21.59
CA LEU A 21 -1.87 42.06 22.45
C LEU A 21 -3.27 41.90 23.01
N ALA A 22 -3.88 43.00 23.48
CA ALA A 22 -5.22 42.90 24.07
C ALA A 22 -6.20 42.42 23.00
N LYS A 23 -6.11 42.98 21.79
CA LYS A 23 -6.97 42.55 20.68
C LYS A 23 -6.78 41.07 20.37
N ALA A 24 -5.55 40.59 20.41
CA ALA A 24 -5.27 39.17 20.12
C ALA A 24 -5.83 38.26 21.19
N GLU A 25 -5.73 38.67 22.46
CA GLU A 25 -6.31 37.91 23.55
C GLU A 25 -7.81 37.77 23.36
N ALA A 26 -8.46 38.87 22.97
CA ALA A 26 -9.92 38.84 22.72
C ALA A 26 -10.26 37.89 21.54
N GLY A 27 -9.43 37.87 20.51
CA GLY A 27 -9.66 36.96 19.36
C GLY A 27 -9.55 35.50 19.74
N VAL A 28 -8.48 35.16 20.44
CA VAL A 28 -8.28 33.80 20.92
C VAL A 28 -9.39 33.40 21.88
N ALA A 29 -9.74 34.28 22.80
CA ALA A 29 -10.84 33.96 23.73
C ALA A 29 -12.18 33.66 23.00
N GLU A 30 -12.46 34.38 21.92
CA GLU A 30 -13.74 34.16 21.20
C GLU A 30 -13.71 32.75 20.61
N MET A 31 -12.58 32.34 20.04
CA MET A 31 -12.45 30.99 19.46
C MET A 31 -12.45 29.91 20.52
N ALA A 32 -11.71 30.11 21.60
CA ALA A 32 -11.77 29.22 22.78
C ALA A 32 -13.18 28.98 23.33
N ALA A 33 -14.00 30.04 23.38
CA ALA A 33 -15.35 29.99 23.98
C ALA A 33 -16.34 29.08 23.24
N LYS A 34 -16.05 28.88 21.95
CA LYS A 34 -16.88 28.03 21.08
C LYS A 34 -16.23 26.73 20.58
N ARG A 35 -15.05 26.42 21.14
CA ARG A 35 -14.23 25.33 20.63
C ARG A 35 -14.94 24.00 20.76
N ASN A 36 -14.84 23.20 19.71
CA ASN A 36 -15.33 21.84 19.78
C ASN A 36 -14.15 20.93 20.13
N ASN A 37 -14.24 20.13 21.20
CA ASN A 37 -13.08 19.28 21.60
C ASN A 37 -12.98 17.87 21.00
N ARG A 38 -13.80 17.56 20.01
CA ARG A 38 -13.81 16.20 19.49
C ARG A 38 -12.43 15.67 19.02
N TRP A 39 -11.63 16.54 18.42
CA TRP A 39 -10.28 16.18 17.98
C TRP A 39 -9.20 16.94 18.71
N TYR A 40 -9.61 17.71 19.71
CA TYR A 40 -8.67 18.57 20.39
C TYR A 40 -7.72 17.69 21.27
N PRO A 41 -6.38 17.90 21.19
CA PRO A 41 -5.43 17.05 21.91
C PRO A 41 -5.62 17.11 23.43
N LYS A 42 -5.55 15.93 24.06
CA LYS A 42 -5.52 15.85 25.51
C LYS A 42 -4.08 16.07 26.08
N TYR A 43 -3.06 15.72 25.31
CA TYR A 43 -1.65 15.71 25.80
C TYR A 43 -0.62 16.21 24.82
N HIS A 44 -1.09 16.98 23.83
CA HIS A 44 -0.22 17.72 22.93
C HIS A 44 -0.58 19.21 23.03
N ILE A 45 0.38 20.05 22.68
CA ILE A 45 0.20 21.49 22.74
C ILE A 45 -0.52 22.00 21.49
N ALA A 46 -1.64 22.66 21.73
CA ALA A 46 -2.36 23.45 20.71
C ALA A 46 -2.73 24.83 21.25
N SER A 47 -3.13 25.76 20.38
CA SER A 47 -3.65 27.02 20.96
C SER A 47 -4.96 26.71 21.68
N ASN A 48 -5.34 27.50 22.67
CA ASN A 48 -6.71 27.37 23.22
C ASN A 48 -7.79 27.82 22.24
N GLY A 49 -7.41 28.67 21.27
CA GLY A 49 -8.34 29.13 20.23
C GLY A 49 -7.50 29.56 19.04
N GLY A 50 -7.90 29.17 17.84
CA GLY A 50 -7.12 29.61 16.62
C GLY A 50 -6.11 28.65 16.02
N TRP A 51 -5.60 29.04 14.89
CA TRP A 51 -4.54 28.37 14.17
C TRP A 51 -3.15 28.55 14.81
N ILE A 52 -2.36 27.48 14.92
CA ILE A 52 -0.91 27.67 15.17
C ILE A 52 -0.13 27.04 14.04
N ASN A 53 1.16 27.36 14.04
CA ASN A 53 2.11 26.63 13.23
C ASN A 53 3.43 26.43 14.02
N ASP A 54 4.56 26.87 13.47
CA ASP A 54 5.92 26.50 13.99
C ASP A 54 6.12 26.69 15.49
N PRO A 55 6.78 25.73 16.16
CA PRO A 55 7.15 25.96 17.53
C PRO A 55 8.27 27.01 17.49
N ASN A 56 8.25 27.89 18.50
CA ASN A 56 9.21 29.00 18.59
C ASN A 56 9.73 29.19 19.98
N GLY A 57 10.85 29.93 20.08
CA GLY A 57 11.35 30.41 21.40
C GLY A 57 11.58 29.30 22.42
N LEU A 58 11.82 28.10 21.93
CA LEU A 58 11.90 26.95 22.83
C LEU A 58 13.07 27.07 23.80
N CYS A 59 12.80 26.87 25.09
CA CYS A 59 13.89 26.92 26.07
C CYS A 59 13.46 26.30 27.39
N PHE A 60 14.46 26.08 28.25
CA PHE A 60 14.22 25.90 29.68
C PHE A 60 14.91 27.12 30.32
N TYR A 61 14.19 27.84 31.19
CA TYR A 61 14.72 29.07 31.72
C TYR A 61 14.04 29.41 33.03
N LYS A 62 14.87 29.74 34.02
CA LYS A 62 14.42 30.15 35.41
C LYS A 62 13.39 29.14 35.95
N GLY A 63 13.72 27.85 35.79
CA GLY A 63 12.98 26.78 36.41
C GLY A 63 11.76 26.30 35.64
N ARG A 64 11.52 26.82 34.41
CA ARG A 64 10.38 26.38 33.57
C ARG A 64 10.75 25.96 32.16
N TRP A 65 10.00 25.00 31.60
CA TRP A 65 10.02 24.70 30.19
C TRP A 65 9.14 25.77 29.51
N HIS A 66 9.59 26.32 28.39
CA HIS A 66 8.73 27.27 27.65
C HIS A 66 8.59 26.85 26.23
N VAL A 67 7.34 26.94 25.73
CA VAL A 67 7.11 26.70 24.34
C VAL A 67 6.33 27.89 23.81
N PHE A 68 6.89 28.55 22.80
CA PHE A 68 6.09 29.57 22.10
C PHE A 68 5.70 28.96 20.76
N TYR A 69 4.80 29.62 20.00
CA TYR A 69 4.42 29.05 18.69
C TYR A 69 3.78 30.21 17.88
N GLN A 70 3.97 30.12 16.57
CA GLN A 70 3.32 31.01 15.60
C GLN A 70 1.83 30.83 15.84
N LEU A 71 1.11 31.94 15.89
CA LEU A 71 -0.32 31.95 16.24
C LEU A 71 -1.04 32.93 15.34
N HIS A 72 -2.16 32.51 14.76
CA HIS A 72 -3.12 33.51 14.20
C HIS A 72 -4.28 33.61 15.17
N PRO A 73 -4.37 34.73 15.88
CA PRO A 73 -5.34 34.86 16.95
C PRO A 73 -6.79 35.13 16.53
N TYR A 74 -7.04 35.25 15.23
CA TYR A 74 -8.34 35.72 14.67
C TYR A 74 -9.06 34.72 13.79
N GLY A 75 -8.44 33.57 13.56
CA GLY A 75 -9.09 32.55 12.69
C GLY A 75 -8.40 31.21 12.83
N THR A 76 -8.91 30.21 12.10
CA THR A 76 -8.32 28.87 12.16
C THR A 76 -7.59 28.50 10.86
N GLN A 77 -7.36 29.47 9.99
CA GLN A 77 -6.32 29.36 8.92
C GLN A 77 -5.19 30.32 9.23
N TRP A 78 -4.11 30.29 8.43
CA TRP A 78 -2.91 31.09 8.67
C TRP A 78 -3.26 32.55 8.48
N GLY A 79 -2.63 33.46 9.23
CA GLY A 79 -3.00 34.90 9.11
C GLY A 79 -1.99 35.68 9.90
N PRO A 80 -2.22 36.98 10.13
CA PRO A 80 -1.20 37.82 10.78
C PRO A 80 -0.56 37.18 12.01
N MET A 81 0.76 36.96 11.90
CA MET A 81 1.50 36.08 12.85
C MET A 81 1.81 36.76 14.20
N HIS A 82 1.41 36.08 15.26
CA HIS A 82 1.70 36.44 16.65
C HIS A 82 2.49 35.27 17.26
N TRP A 83 3.07 35.46 18.45
CA TRP A 83 3.56 34.30 19.23
C TRP A 83 2.68 34.05 20.45
N GLY A 84 2.16 32.84 20.53
CA GLY A 84 1.44 32.32 21.71
C GLY A 84 2.49 31.66 22.62
N HIS A 85 2.08 31.26 23.83
CA HIS A 85 3.06 30.79 24.87
C HIS A 85 2.38 29.92 25.91
N VAL A 86 2.99 28.74 26.15
CA VAL A 86 2.66 27.87 27.28
C VAL A 86 3.93 27.59 28.12
N SER A 87 3.79 27.29 29.40
CA SER A 87 4.98 26.98 30.20
C SER A 87 4.66 25.84 31.15
N SER A 88 5.70 25.26 31.75
CA SER A 88 5.50 24.08 32.55
C SER A 88 6.72 23.93 33.49
N THR A 89 6.49 23.48 34.71
CA THR A 89 7.66 23.17 35.57
C THR A 89 8.15 21.74 35.39
N ASP A 90 7.44 20.89 34.64
CA ASP A 90 7.77 19.45 34.59
C ASP A 90 7.62 18.71 33.26
N MET A 91 7.15 19.45 32.25
CA MET A 91 6.72 18.94 30.95
C MET A 91 5.47 18.09 30.98
N LEU A 92 4.84 17.96 32.13
CA LEU A 92 3.66 17.12 32.26
C LEU A 92 2.40 18.00 32.45
N ASN A 93 2.54 19.07 33.22
CA ASN A 93 1.42 19.94 33.55
C ASN A 93 1.70 21.32 32.98
N TRP A 94 0.90 21.75 32.00
CA TRP A 94 1.22 23.00 31.33
C TRP A 94 0.21 24.09 31.61
N LYS A 95 0.66 25.35 31.51
CA LYS A 95 -0.26 26.47 31.67
C LYS A 95 -0.20 27.40 30.52
N ARG A 96 -1.36 28.01 30.24
CA ARG A 96 -1.40 29.01 29.16
C ARG A 96 -0.88 30.31 29.69
N GLU A 97 -0.05 30.98 28.89
CA GLU A 97 0.54 32.24 29.28
C GLU A 97 -0.07 33.31 28.39
N PRO A 98 0.17 34.59 28.73
CA PRO A 98 -0.21 35.67 27.81
C PRO A 98 0.43 35.51 26.41
N ILE A 99 -0.31 35.92 25.38
CA ILE A 99 0.26 36.02 24.02
C ILE A 99 1.49 36.94 24.16
N MET A 100 2.58 36.57 23.52
CA MET A 100 3.89 37.16 23.84
C MET A 100 4.17 38.36 22.91
N PHE A 101 4.00 38.14 21.61
CA PHE A 101 4.29 39.12 20.57
C PHE A 101 3.09 39.29 19.60
N ALA A 102 2.82 40.56 19.28
CA ALA A 102 1.97 40.98 18.19
C ALA A 102 2.79 41.94 17.32
N PRO A 103 2.43 42.05 16.04
CA PRO A 103 3.21 42.99 15.19
C PRO A 103 3.05 44.44 15.68
N SER A 104 4.18 45.11 15.96
CA SER A 104 4.17 46.48 16.50
C SER A 104 5.29 47.38 15.96
N LEU A 105 6.21 46.80 15.18
CA LEU A 105 7.32 47.53 14.58
C LEU A 105 7.21 47.50 13.06
N GLU A 106 7.69 48.55 12.37
CA GLU A 106 7.56 48.66 10.91
C GLU A 106 7.98 47.40 10.15
N GLN A 107 9.14 46.86 10.51
CA GLN A 107 9.74 45.71 9.85
C GLN A 107 9.09 44.35 10.11
N GLU A 108 8.15 44.26 11.04
CA GLU A 108 7.39 43.03 11.28
C GLU A 108 5.86 43.32 11.13
N LYS A 109 5.51 44.39 10.44
CA LYS A 109 4.13 44.86 10.57
C LYS A 109 3.10 43.92 9.98
N ASP A 110 3.49 43.04 9.04
CA ASP A 110 2.60 42.01 8.53
C ASP A 110 2.79 40.61 9.19
N GLY A 111 3.63 40.51 10.24
CA GLY A 111 3.75 39.23 11.01
C GLY A 111 5.02 39.14 11.83
N VAL A 112 4.90 38.64 13.08
CA VAL A 112 6.08 38.20 13.90
C VAL A 112 6.26 36.74 13.62
N PHE A 113 7.25 36.51 12.75
CA PHE A 113 7.53 35.21 12.24
C PHE A 113 8.37 34.39 13.21
N SER A 114 8.84 33.24 12.73
CA SER A 114 9.47 32.28 13.64
C SER A 114 10.74 32.81 14.24
N GLY A 115 11.15 32.23 15.37
CA GLY A 115 12.38 32.62 15.98
C GLY A 115 12.64 31.70 17.17
N SER A 116 13.67 32.01 17.91
CA SER A 116 14.25 31.08 18.86
C SER A 116 14.70 31.85 20.10
N ALA A 117 15.04 31.09 21.15
CA ALA A 117 15.54 31.68 22.37
C ALA A 117 16.88 31.04 22.69
N VAL A 118 17.79 31.85 23.20
CA VAL A 118 19.08 31.33 23.68
C VAL A 118 19.51 32.01 24.96
N ILE A 119 20.29 31.29 25.78
CA ILE A 119 20.74 31.79 27.03
C ILE A 119 22.16 32.28 26.82
N ASP A 120 22.39 33.53 27.19
CA ASP A 120 23.64 34.15 26.92
C ASP A 120 24.73 33.79 27.95
N ASP A 121 25.90 34.42 27.79
CA ASP A 121 27.04 34.16 28.64
C ASP A 121 26.81 34.54 30.08
N ASN A 122 25.82 35.39 30.34
CA ASN A 122 25.53 35.81 31.72
C ASN A 122 24.32 35.08 32.30
N GLY A 123 23.80 34.12 31.53
CA GLY A 123 22.65 33.34 31.98
C GLY A 123 21.30 33.99 31.68
N ASP A 124 21.31 35.03 30.85
CA ASP A 124 20.12 35.81 30.48
C ASP A 124 19.57 35.38 29.13
N LEU A 125 18.26 35.28 29.03
CA LEU A 125 17.67 34.80 27.80
C LEU A 125 17.52 35.99 26.82
N ARG A 126 17.76 35.70 25.55
CA ARG A 126 17.46 36.59 24.40
C ARG A 126 16.64 35.86 23.35
N PHE A 127 15.75 36.61 22.69
CA PHE A 127 14.94 36.08 21.62
C PHE A 127 15.46 36.63 20.28
N TYR A 128 15.38 35.81 19.23
CA TYR A 128 15.69 36.21 17.87
C TYR A 128 14.53 35.78 17.00
N TYR A 129 14.04 36.65 16.13
CA TYR A 129 12.93 36.25 15.31
C TYR A 129 12.90 37.03 14.00
N THR A 130 12.06 36.56 13.05
CA THR A 130 11.96 37.28 11.77
C THR A 130 10.80 38.26 11.78
N GLY A 131 11.05 39.47 11.28
CA GLY A 131 9.96 40.45 11.10
C GLY A 131 9.49 40.32 9.64
N HIS A 132 8.19 40.17 9.42
CA HIS A 132 7.72 39.99 8.06
C HIS A 132 6.93 41.23 7.56
N ARG A 133 7.23 41.64 6.34
CA ARG A 133 6.44 42.60 5.56
C ARG A 133 6.04 41.97 4.23
N TRP A 134 4.82 42.25 3.72
CA TRP A 134 4.51 41.93 2.29
C TRP A 134 5.37 42.82 1.41
N ALA A 135 6.11 42.23 0.45
CA ALA A 135 7.01 43.00 -0.44
C ALA A 135 6.26 44.09 -1.23
N ASN A 136 4.97 43.87 -1.54
CA ASN A 136 4.20 44.86 -2.25
C ASN A 136 3.37 45.75 -1.32
N GLY A 137 3.51 45.57 -0.01
CA GLY A 137 2.71 46.32 0.96
C GLY A 137 1.28 45.82 1.20
N HIS A 138 0.87 44.69 0.62
CA HIS A 138 -0.54 44.17 0.75
C HIS A 138 -0.72 42.72 1.00
N ASP A 139 -0.19 41.93 0.12
CA ASP A 139 -0.58 40.55 0.14
C ASP A 139 0.55 39.78 -0.34
N ASN A 140 0.35 38.47 -0.29
CA ASN A 140 1.35 37.53 -0.70
C ASN A 140 1.62 37.56 -2.20
N THR A 141 0.83 38.32 -2.98
CA THR A 141 0.94 38.24 -4.45
C THR A 141 2.28 38.76 -4.98
N GLY A 142 2.93 39.65 -4.23
CA GLY A 142 4.27 40.14 -4.58
C GLY A 142 5.41 39.52 -3.76
N GLY A 143 5.10 38.55 -2.92
CA GLY A 143 6.17 37.85 -2.21
C GLY A 143 6.46 38.44 -0.83
N ASP A 144 7.57 38.00 -0.25
CA ASP A 144 7.91 38.34 1.14
C ASP A 144 9.01 39.37 1.20
N TRP A 145 9.07 40.08 2.34
CA TRP A 145 10.11 41.03 2.64
C TRP A 145 10.39 40.88 4.16
N GLN A 146 11.57 40.32 4.48
CA GLN A 146 11.86 39.78 5.80
C GLN A 146 13.26 40.22 6.29
N VAL A 147 13.35 40.45 7.61
CA VAL A 147 14.57 40.86 8.28
C VAL A 147 14.65 40.19 9.67
N GLN A 148 15.83 40.19 10.31
CA GLN A 148 15.95 39.56 11.62
C GLN A 148 15.94 40.58 12.75
N MET A 149 15.23 40.23 13.79
CA MET A 149 14.97 41.14 14.91
C MET A 149 15.41 40.47 16.23
N THR A 150 15.49 41.27 17.30
CA THR A 150 15.76 40.70 18.63
C THR A 150 14.94 41.35 19.72
N ALA A 151 14.78 40.65 20.86
CA ALA A 151 14.03 41.15 22.00
C ALA A 151 14.54 40.49 23.27
N LEU A 152 14.29 41.14 24.40
CA LEU A 152 14.67 40.59 25.70
C LEU A 152 13.43 40.46 26.58
N PRO A 153 13.36 39.38 27.37
CA PRO A 153 12.25 39.26 28.32
C PRO A 153 12.27 40.34 29.37
N ASP A 154 11.09 40.70 29.86
CA ASP A 154 11.01 41.69 30.93
C ASP A 154 11.01 41.06 32.30
N ASN A 155 10.82 39.74 32.36
CA ASN A 155 10.80 39.09 33.66
C ASN A 155 11.18 37.59 33.50
N ASP A 156 11.40 36.91 34.61
CA ASP A 156 11.88 35.54 34.59
C ASP A 156 10.79 34.59 34.10
N GLU A 157 9.53 35.00 34.25
CA GLU A 157 8.37 34.23 33.71
C GLU A 157 8.15 34.24 32.19
N LEU A 158 8.92 35.08 31.50
CA LEU A 158 8.82 35.34 30.06
C LEU A 158 7.38 35.67 29.68
N THR A 159 6.64 36.39 30.55
CA THR A 159 5.27 36.74 30.15
C THR A 159 5.22 37.96 29.23
N SER A 160 6.31 38.69 29.17
CA SER A 160 6.38 39.81 28.23
C SER A 160 7.83 40.14 27.91
N ALA A 161 8.01 40.89 26.82
CA ALA A 161 9.35 41.18 26.35
C ALA A 161 9.53 42.66 25.89
N THR A 162 10.77 43.16 25.88
CA THR A 162 11.00 44.44 25.31
C THR A 162 11.69 44.18 23.96
N LYS A 163 11.10 44.71 22.91
CA LYS A 163 11.68 44.55 21.56
C LYS A 163 12.81 45.51 21.36
N GLN A 164 13.83 45.10 20.62
CA GLN A 164 14.98 45.98 20.41
C GLN A 164 15.12 46.40 18.97
N GLY A 165 14.40 45.74 18.08
CA GLY A 165 14.32 46.14 16.69
C GLY A 165 15.14 45.26 15.78
N MET A 166 15.45 45.81 14.62
CA MET A 166 16.04 45.04 13.54
C MET A 166 17.57 44.96 13.70
N ILE A 167 18.14 43.75 13.62
CA ILE A 167 19.60 43.64 13.81
C ILE A 167 20.28 43.17 12.50
N ILE A 168 19.50 42.54 11.64
CA ILE A 168 20.03 42.08 10.33
C ILE A 168 19.03 42.42 9.23
N ASP A 169 19.42 43.37 8.37
CA ASP A 169 18.56 43.75 7.25
C ASP A 169 18.71 42.81 6.05
N CYS A 170 17.89 42.97 5.01
CA CYS A 170 17.94 42.09 3.88
C CYS A 170 18.62 42.81 2.70
N PRO A 171 19.75 42.25 2.16
CA PRO A 171 20.28 42.81 0.88
C PRO A 171 19.47 42.32 -0.32
N THR A 172 18.48 43.14 -0.67
CA THR A 172 17.39 42.87 -1.60
C THR A 172 17.87 42.15 -2.85
N ASP A 173 18.97 42.64 -3.41
CA ASP A 173 19.47 42.14 -4.70
C ASP A 173 20.19 40.81 -4.62
N LYS A 174 20.51 40.36 -3.40
CA LYS A 174 21.22 39.07 -3.25
C LYS A 174 20.30 37.95 -2.87
N VAL A 175 19.02 38.26 -2.78
CA VAL A 175 18.08 37.33 -2.18
C VAL A 175 16.82 37.38 -3.00
N ASP A 176 16.19 36.22 -3.18
CA ASP A 176 14.87 36.18 -3.82
C ASP A 176 13.74 36.10 -2.79
N HIS A 177 13.57 37.18 -2.02
CA HIS A 177 12.44 37.34 -1.07
C HIS A 177 12.62 36.58 0.25
N HIS A 178 12.73 35.27 0.19
CA HIS A 178 12.82 34.44 1.41
C HIS A 178 14.08 34.69 2.27
N TYR A 179 13.86 34.99 3.54
CA TYR A 179 14.99 35.42 4.38
C TYR A 179 14.61 35.38 5.87
N ARG A 180 14.65 34.19 6.51
CA ARG A 180 13.95 34.08 7.73
C ARG A 180 14.38 32.88 8.61
N ASP A 181 13.99 32.97 9.88
CA ASP A 181 13.91 31.81 10.83
C ASP A 181 15.30 31.68 11.47
N PRO A 182 15.66 32.64 12.32
CA PRO A 182 17.04 32.58 12.88
C PRO A 182 17.30 31.54 14.02
N LYS A 183 18.51 30.99 14.02
CA LYS A 183 18.98 30.16 15.16
C LYS A 183 20.35 30.66 15.55
N VAL A 184 20.57 30.90 16.86
CA VAL A 184 21.83 31.45 17.40
C VAL A 184 22.40 30.44 18.40
N TRP A 185 23.73 30.29 18.43
CA TRP A 185 24.35 29.31 19.32
C TRP A 185 25.80 29.74 19.44
N LYS A 186 26.50 29.16 20.44
CA LYS A 186 27.88 29.50 20.70
C LYS A 186 28.76 28.28 20.49
N THR A 187 29.83 28.47 19.71
CA THR A 187 30.87 27.45 19.56
C THR A 187 32.22 28.12 19.87
N GLY A 188 32.99 27.52 20.78
CA GLY A 188 34.26 28.10 21.19
C GLY A 188 34.01 29.44 21.86
N ASP A 189 34.69 30.48 21.38
CA ASP A 189 34.52 31.83 21.94
C ASP A 189 33.58 32.70 21.09
N THR A 190 32.80 32.11 20.18
CA THR A 190 32.09 32.93 19.19
C THR A 190 30.60 32.57 19.11
N TRP A 191 29.73 33.60 19.12
CA TRP A 191 28.30 33.38 18.81
C TRP A 191 28.05 33.39 17.31
N TYR A 192 27.17 32.49 16.82
CA TYR A 192 26.90 32.35 15.39
C TYR A 192 25.41 32.43 15.26
N MET A 193 24.97 32.85 14.09
CA MET A 193 23.56 32.80 13.69
C MET A 193 23.45 32.18 12.31
N THR A 194 22.41 31.38 12.08
CA THR A 194 22.08 31.00 10.75
C THR A 194 20.57 31.24 10.57
N PHE A 195 20.20 31.50 9.33
CA PHE A 195 18.80 31.48 8.90
C PHE A 195 18.71 31.09 7.42
N GLY A 196 17.49 30.79 6.97
CA GLY A 196 17.28 30.34 5.63
C GLY A 196 17.10 31.49 4.64
N VAL A 197 17.57 31.28 3.41
CA VAL A 197 17.59 32.31 2.39
C VAL A 197 17.34 31.62 1.07
N SER A 198 16.64 32.30 0.17
CA SER A 198 16.59 31.85 -1.22
C SER A 198 17.52 32.77 -1.95
N SER A 199 18.54 32.22 -2.62
CA SER A 199 19.55 33.06 -3.21
C SER A 199 18.95 33.77 -4.42
N ALA A 200 19.72 34.72 -4.93
CA ALA A 200 19.37 35.44 -6.15
C ALA A 200 19.13 34.44 -7.31
N ASP A 201 19.79 33.29 -7.25
CA ASP A 201 19.55 32.24 -8.24
C ASP A 201 18.48 31.21 -7.81
N LYS A 202 17.72 31.57 -6.78
CA LYS A 202 16.62 30.78 -6.26
C LYS A 202 17.08 29.44 -5.65
N ARG A 203 18.28 29.39 -5.12
CA ARG A 203 18.75 28.19 -4.40
C ARG A 203 18.51 28.36 -2.90
N GLY A 204 18.11 27.27 -2.21
CA GLY A 204 17.88 27.33 -0.73
C GLY A 204 19.22 27.32 -0.01
N GLN A 205 19.47 28.30 0.86
CA GLN A 205 20.73 28.40 1.59
C GLN A 205 20.50 28.69 3.06
N MET A 206 21.55 28.49 3.83
CA MET A 206 21.58 28.90 5.24
C MET A 206 22.81 29.80 5.21
N TRP A 207 22.64 31.05 5.62
CA TRP A 207 23.75 31.94 5.77
C TRP A 207 24.30 31.92 7.17
N LEU A 208 25.57 32.25 7.30
CA LEU A 208 26.21 32.31 8.59
C LEU A 208 26.68 33.71 8.99
N PHE A 209 26.37 34.11 10.21
CA PHE A 209 26.92 35.32 10.79
C PHE A 209 27.58 35.04 12.12
N SER A 210 28.43 35.98 12.58
CA SER A 210 29.12 35.90 13.85
C SER A 210 28.96 37.23 14.63
N SER A 211 28.94 37.14 15.96
CA SER A 211 28.81 38.32 16.87
C SER A 211 29.65 38.16 18.15
N LYS A 212 30.10 39.29 18.73
CA LYS A 212 30.79 39.30 20.01
C LYS A 212 29.78 39.58 21.09
N ASP A 213 28.76 40.39 20.81
CA ASP A 213 27.89 40.87 21.89
C ASP A 213 26.41 40.50 21.71
N MET A 214 26.15 39.62 20.74
CA MET A 214 24.85 39.01 20.35
C MET A 214 23.85 39.94 19.67
N VAL A 215 24.26 41.21 19.49
CA VAL A 215 23.35 42.24 19.00
C VAL A 215 23.85 42.81 17.66
N ARG A 216 25.13 43.18 17.60
CA ARG A 216 25.77 43.52 16.31
C ARG A 216 26.34 42.27 15.65
N TRP A 217 25.95 42.00 14.39
CA TRP A 217 26.34 40.75 13.65
C TRP A 217 27.26 41.07 12.49
N GLU A 218 28.05 40.09 12.08
CA GLU A 218 28.96 40.28 10.96
C GLU A 218 28.69 39.08 10.05
N TYR A 219 28.46 39.36 8.78
CA TYR A 219 28.31 38.27 7.82
C TYR A 219 29.60 37.46 7.63
N GLU A 220 29.47 36.14 7.66
CA GLU A 220 30.62 35.27 7.43
C GLU A 220 30.66 34.64 6.07
N ARG A 221 29.64 33.83 5.74
CA ARG A 221 29.61 33.04 4.50
C ARG A 221 28.25 32.35 4.32
N VAL A 222 28.11 31.60 3.24
CA VAL A 222 26.97 30.71 3.11
C VAL A 222 27.39 29.41 3.79
N LEU A 223 26.67 29.07 4.85
CA LEU A 223 26.93 27.84 5.62
C LEU A 223 26.65 26.60 4.82
N PHE A 224 25.57 26.62 4.05
CA PHE A 224 25.11 25.42 3.35
C PHE A 224 24.18 25.82 2.22
N GLN A 225 24.29 25.14 1.08
CA GLN A 225 23.36 25.29 -0.01
C GLN A 225 22.81 23.92 -0.36
N HIS A 226 21.49 23.81 -0.51
CA HIS A 226 20.88 22.51 -0.69
C HIS A 226 21.29 22.00 -2.09
N PRO A 227 21.77 20.76 -2.19
CA PRO A 227 22.24 20.27 -3.51
C PRO A 227 21.14 20.06 -4.59
N ASP A 228 19.88 19.95 -4.18
CA ASP A 228 18.80 19.87 -5.18
C ASP A 228 18.40 21.29 -5.66
N PRO A 229 18.60 21.59 -6.95
CA PRO A 229 18.18 22.89 -7.53
C PRO A 229 16.70 23.16 -7.43
N ASP A 230 15.83 22.14 -7.35
CA ASP A 230 14.40 22.42 -7.16
C ASP A 230 14.09 23.02 -5.79
N VAL A 231 14.95 22.80 -4.81
CA VAL A 231 14.78 23.34 -3.43
C VAL A 231 15.19 24.82 -3.44
N PHE A 232 14.24 25.72 -3.23
CA PHE A 232 14.52 27.17 -3.36
C PHE A 232 14.61 27.88 -2.03
N MET A 233 14.19 27.19 -0.97
CA MET A 233 14.19 27.78 0.35
C MET A 233 14.34 26.72 1.45
N LEU A 234 15.08 27.11 2.49
CA LEU A 234 15.26 26.27 3.68
C LEU A 234 14.67 26.98 4.89
N GLU A 235 13.43 26.67 5.23
CA GLU A 235 12.76 27.30 6.37
C GLU A 235 13.25 26.65 7.66
N CYS A 236 13.15 27.39 8.77
CA CYS A 236 13.45 26.86 10.14
C CYS A 236 14.76 26.07 10.24
N PRO A 237 15.90 26.64 9.78
CA PRO A 237 17.14 25.83 9.85
C PRO A 237 17.49 25.43 11.28
N ASP A 238 18.14 24.27 11.42
CA ASP A 238 18.66 23.83 12.70
C ASP A 238 20.11 23.38 12.50
N PHE A 239 20.92 23.49 13.57
CA PHE A 239 22.34 23.16 13.44
C PHE A 239 22.84 22.87 14.83
N SER A 240 23.25 21.63 15.13
CA SER A 240 23.71 21.40 16.48
C SER A 240 24.59 20.19 16.59
N PRO A 241 25.49 20.17 17.60
CA PRO A 241 26.42 19.05 17.75
C PRO A 241 25.80 17.93 18.58
N ILE A 242 26.01 16.68 18.14
CA ILE A 242 25.41 15.52 18.81
C ILE A 242 26.52 14.46 18.98
N LYS A 243 26.56 13.82 20.17
CA LYS A 243 27.59 12.81 20.52
C LYS A 243 27.20 11.47 19.90
N ASP A 244 28.10 10.89 19.12
CA ASP A 244 27.83 9.59 18.51
C ASP A 244 28.19 8.44 19.49
N LYS A 245 27.99 7.20 19.03
CA LYS A 245 28.18 6.00 19.87
C LYS A 245 29.59 5.83 20.39
N ASP A 246 30.56 6.48 19.74
CA ASP A 246 31.95 6.35 20.11
C ASP A 246 32.40 7.52 20.98
N GLY A 247 31.46 8.39 21.32
CA GLY A 247 31.74 9.57 22.12
C GLY A 247 32.21 10.79 21.33
N ASN A 248 32.26 10.67 20.01
CA ASN A 248 32.65 11.76 19.12
C ASN A 248 31.50 12.70 18.71
N GLU A 249 31.85 13.99 18.57
CA GLU A 249 30.90 15.04 18.19
C GLU A 249 30.57 15.00 16.69
N LYS A 250 29.30 14.90 16.30
CA LYS A 250 28.91 15.13 14.87
C LYS A 250 27.97 16.33 14.81
N TRP A 251 28.00 17.05 13.69
CA TRP A 251 27.07 18.17 13.50
C TRP A 251 25.87 17.73 12.68
N VAL A 252 24.66 17.93 13.19
CA VAL A 252 23.44 17.58 12.44
C VAL A 252 22.80 18.89 11.97
N ILE A 253 22.69 19.05 10.66
CA ILE A 253 22.06 20.22 10.05
C ILE A 253 20.62 19.80 9.75
N GLY A 254 19.71 20.72 9.99
CA GLY A 254 18.27 20.42 9.79
C GLY A 254 17.67 21.56 9.06
N PHE A 255 16.63 21.27 8.28
CA PHE A 255 15.85 22.37 7.70
C PHE A 255 14.49 21.86 7.24
N SER A 256 13.59 22.80 7.00
CA SER A 256 12.30 22.52 6.42
C SER A 256 12.40 22.98 4.96
N ALA A 257 12.59 22.04 4.04
CA ALA A 257 12.92 22.31 2.64
C ALA A 257 11.65 22.58 1.80
N MET A 258 11.68 23.64 0.99
CA MET A 258 10.59 23.92 0.06
C MET A 258 11.08 23.65 -1.35
N GLY A 259 10.31 22.84 -2.10
CA GLY A 259 10.52 22.71 -3.56
C GLY A 259 10.94 21.32 -4.12
N SER A 260 11.32 20.40 -3.23
CA SER A 260 11.63 19.02 -3.62
C SER A 260 10.42 18.41 -4.28
N LYS A 261 10.70 17.59 -5.27
CA LYS A 261 9.65 16.82 -5.91
C LYS A 261 9.52 15.48 -5.17
N PRO A 262 8.27 15.03 -4.95
CA PRO A 262 8.12 13.68 -4.35
C PRO A 262 8.72 12.62 -5.25
N SER A 263 9.29 11.58 -4.62
CA SER A 263 9.97 10.52 -5.32
C SER A 263 9.80 9.28 -4.47
N GLY A 264 9.00 8.32 -4.94
CA GLY A 264 8.73 7.07 -4.23
C GLY A 264 8.03 7.44 -2.93
N PHE A 265 8.58 7.00 -1.81
CA PHE A 265 8.00 7.25 -0.49
C PHE A 265 8.65 8.50 0.10
N MET A 266 9.63 9.08 -0.58
CA MET A 266 10.33 10.27 -0.06
C MET A 266 9.74 11.65 -0.43
N ASN A 267 9.82 12.60 0.52
CA ASN A 267 9.39 14.01 0.24
C ASN A 267 7.93 14.13 -0.28
N ARG A 268 7.02 13.40 0.33
CA ARG A 268 5.62 13.37 -0.11
C ARG A 268 4.80 14.63 0.26
N ASN A 269 5.22 15.37 1.29
CA ASN A 269 4.35 16.48 1.76
C ASN A 269 4.64 17.73 0.96
N VAL A 270 3.77 18.74 1.13
CA VAL A 270 3.89 19.99 0.35
C VAL A 270 5.30 20.56 0.54
N SER A 271 5.77 20.60 1.79
CA SER A 271 7.18 20.94 2.08
C SER A 271 7.66 19.85 3.08
N ASN A 272 8.97 19.69 3.24
CA ASN A 272 9.47 18.50 3.93
C ASN A 272 10.69 18.84 4.77
N ALA A 273 10.67 18.44 6.04
CA ALA A 273 11.79 18.74 6.97
C ALA A 273 12.72 17.53 7.10
N GLY A 274 14.02 17.76 7.25
CA GLY A 274 14.92 16.67 7.44
C GLY A 274 16.32 17.18 7.73
N TYR A 275 17.26 16.25 7.69
CA TYR A 275 18.58 16.47 8.24
C TYR A 275 19.64 15.80 7.42
N MET A 276 20.88 16.23 7.64
CA MET A 276 22.05 15.52 7.18
C MET A 276 23.07 15.52 8.32
N ILE A 277 23.85 14.47 8.38
CA ILE A 277 24.88 14.40 9.41
C ILE A 277 26.22 14.68 8.73
N GLY A 278 27.07 15.48 9.38
CA GLY A 278 28.40 15.70 8.84
C GLY A 278 29.29 16.47 9.80
N THR A 279 30.21 17.24 9.24
CA THR A 279 31.23 17.92 10.07
C THR A 279 31.24 19.41 9.85
N TRP A 280 31.82 20.15 10.80
CA TRP A 280 31.87 21.61 10.69
C TRP A 280 33.12 22.10 11.38
N GLU A 281 33.97 22.83 10.69
CA GLU A 281 35.05 23.55 11.37
C GLU A 281 34.48 24.96 11.66
N PRO A 282 34.41 25.37 12.95
CA PRO A 282 33.65 26.59 13.25
C PRO A 282 34.11 27.77 12.43
N GLY A 283 33.13 28.39 11.79
CA GLY A 283 33.28 29.48 10.83
C GLY A 283 33.28 29.00 9.39
N GLY A 284 33.29 27.69 9.17
CA GLY A 284 33.47 27.17 7.80
C GLY A 284 32.13 26.72 7.24
N GLU A 285 32.16 26.01 6.12
CA GLU A 285 31.00 25.39 5.49
C GLU A 285 30.68 24.09 6.18
N PHE A 286 29.39 23.77 6.26
CA PHE A 286 28.98 22.45 6.70
C PHE A 286 29.38 21.42 5.63
N LYS A 287 29.93 20.27 6.06
CA LYS A 287 30.33 19.19 5.13
C LYS A 287 29.46 17.97 5.35
N PRO A 288 28.43 17.75 4.53
CA PRO A 288 27.62 16.54 4.81
C PRO A 288 28.39 15.25 4.56
N GLU A 289 28.07 14.26 5.39
CA GLU A 289 28.54 12.89 5.22
C GLU A 289 27.38 11.94 4.92
N THR A 290 26.15 12.46 4.96
CA THR A 290 24.97 11.62 4.64
C THR A 290 24.04 12.36 3.66
N GLU A 291 23.29 11.59 2.89
CA GLU A 291 22.19 12.15 2.13
C GLU A 291 21.04 12.68 3.04
N PHE A 292 20.22 13.58 2.50
CA PHE A 292 19.04 14.03 3.23
C PHE A 292 18.11 12.91 3.71
N ARG A 293 17.68 12.95 4.99
CA ARG A 293 16.71 12.01 5.55
C ARG A 293 15.64 12.76 6.29
N LEU A 294 14.38 12.26 6.30
CA LEU A 294 13.30 12.99 6.95
C LEU A 294 13.43 12.86 8.47
N TRP A 295 13.14 13.94 9.20
CA TRP A 295 12.92 13.83 10.67
C TRP A 295 11.78 12.91 10.98
N ASP A 296 10.73 13.03 10.18
CA ASP A 296 9.47 12.30 10.47
C ASP A 296 8.84 11.92 9.14
N CYS A 297 8.45 10.67 8.98
CA CYS A 297 7.96 10.17 7.72
C CYS A 297 6.42 10.29 7.58
N GLY A 298 5.75 10.89 8.55
CA GLY A 298 4.26 10.85 8.63
C GLY A 298 3.61 11.97 7.77
N HIS A 299 2.27 12.08 7.82
CA HIS A 299 1.55 12.98 6.93
C HIS A 299 1.70 14.44 7.37
N ASN A 300 1.88 14.68 8.68
CA ASN A 300 1.68 16.02 9.24
C ASN A 300 2.83 16.38 10.19
N TYR A 301 3.85 17.02 9.64
CA TYR A 301 5.07 17.34 10.43
C TYR A 301 5.88 18.32 9.65
N TYR A 302 6.27 19.41 10.31
CA TYR A 302 7.02 20.46 9.65
C TYR A 302 7.57 21.44 10.69
N ALA A 303 8.56 22.22 10.25
CA ALA A 303 9.13 23.35 11.05
C ALA A 303 9.66 22.97 12.46
N PRO A 304 10.28 21.79 12.58
CA PRO A 304 10.77 21.49 13.89
C PRO A 304 11.87 22.48 14.35
N GLN A 305 11.83 22.77 15.64
CA GLN A 305 12.90 23.58 16.28
C GLN A 305 13.50 22.78 17.43
N SER A 306 14.82 22.89 17.62
CA SER A 306 15.45 22.15 18.70
C SER A 306 16.16 23.13 19.65
N PHE A 307 16.44 22.69 20.88
CA PHE A 307 17.10 23.52 21.90
C PHE A 307 17.82 22.60 22.84
N ASN A 308 18.77 23.16 23.59
CA ASN A 308 19.65 22.34 24.41
C ASN A 308 19.35 22.59 25.88
N VAL A 309 19.17 21.53 26.64
CA VAL A 309 18.99 21.66 28.11
C VAL A 309 19.84 20.60 28.76
N ASP A 310 20.80 21.04 29.62
CA ASP A 310 21.73 20.10 30.32
C ASP A 310 22.24 18.97 29.46
N GLY A 311 22.77 19.36 28.31
CA GLY A 311 23.45 18.44 27.41
C GLY A 311 22.52 17.69 26.45
N ARG A 312 21.21 17.88 26.60
CA ARG A 312 20.25 17.14 25.78
C ARG A 312 19.67 18.07 24.73
N GLN A 313 19.55 17.58 23.49
CA GLN A 313 18.98 18.41 22.41
C GLN A 313 17.53 17.89 22.24
N ILE A 314 16.59 18.77 22.48
CA ILE A 314 15.19 18.39 22.51
C ILE A 314 14.49 19.12 21.35
N VAL A 315 13.57 18.45 20.66
CA VAL A 315 12.95 19.00 19.47
C VAL A 315 11.40 18.83 19.45
N TYR A 316 10.72 19.88 19.02
CA TYR A 316 9.29 19.85 18.77
C TYR A 316 9.06 20.15 17.33
N GLY A 317 8.08 19.49 16.76
CA GLY A 317 7.62 19.78 15.42
C GLY A 317 6.19 20.28 15.44
N TRP A 318 5.82 21.00 14.40
CA TRP A 318 4.41 21.35 14.21
C TRP A 318 3.77 20.26 13.38
N MET A 319 2.60 19.75 13.79
CA MET A 319 1.86 18.80 12.93
C MET A 319 1.08 19.64 11.91
N SER A 320 1.69 19.80 10.71
CA SER A 320 1.23 20.75 9.70
C SER A 320 0.13 20.13 8.88
N PRO A 321 -1.06 20.79 8.82
CA PRO A 321 -2.11 20.32 7.90
C PRO A 321 -2.03 21.12 6.63
N PHE A 322 -1.33 20.61 5.60
CA PHE A 322 -1.17 21.38 4.39
C PHE A 322 -2.23 21.00 3.36
N VAL A 323 -2.99 19.94 3.58
CA VAL A 323 -3.79 19.37 2.52
C VAL A 323 -5.27 19.41 2.96
N GLN A 324 -6.13 19.88 2.06
CA GLN A 324 -7.59 19.89 2.30
C GLN A 324 -8.21 18.48 2.14
N PRO A 325 -9.33 18.20 2.83
CA PRO A 325 -9.96 19.13 3.83
C PRO A 325 -9.30 19.05 5.21
N ILE A 326 -9.40 20.15 5.98
CA ILE A 326 -8.91 20.21 7.35
C ILE A 326 -10.11 20.38 8.33
N PRO A 327 -10.74 19.27 8.75
CA PRO A 327 -12.05 19.39 9.40
C PRO A 327 -11.96 20.03 10.78
N MET A 328 -10.79 19.97 11.43
CA MET A 328 -10.63 20.63 12.74
C MET A 328 -10.79 22.13 12.66
N GLU A 329 -10.53 22.70 11.50
CA GLU A 329 -10.67 24.17 11.36
C GLU A 329 -12.08 24.73 11.64
N ASP A 330 -13.10 23.86 11.59
CA ASP A 330 -14.48 24.25 11.92
C ASP A 330 -14.73 24.26 13.42
N ASP A 331 -13.72 23.89 14.20
CA ASP A 331 -13.91 23.56 15.63
C ASP A 331 -13.27 24.60 16.55
N GLY A 332 -12.91 25.76 16.00
CA GLY A 332 -12.36 26.91 16.76
C GLY A 332 -10.84 26.76 17.02
N TRP A 333 -10.21 25.72 16.51
CA TRP A 333 -8.72 25.59 16.66
C TRP A 333 -8.14 24.94 15.38
N CYS A 334 -6.84 25.01 15.18
CA CYS A 334 -6.23 24.23 14.10
C CYS A 334 -4.75 24.08 14.40
N GLY A 335 -4.23 22.84 14.46
CA GLY A 335 -2.79 22.65 14.60
C GLY A 335 -2.43 22.33 16.04
N GLN A 336 -1.57 21.34 16.18
CA GLN A 336 -0.95 20.97 17.44
C GLN A 336 0.52 20.69 17.19
N LEU A 337 1.31 20.67 18.29
CA LEU A 337 2.69 20.31 18.16
C LEU A 337 2.84 18.79 18.44
N THR A 338 3.97 18.23 18.08
CA THR A 338 4.28 16.81 18.42
C THR A 338 4.62 16.74 19.90
N LEU A 339 4.75 15.51 20.43
CA LEU A 339 5.47 15.41 21.74
C LEU A 339 6.89 15.87 21.58
N PRO A 340 7.51 16.33 22.67
CA PRO A 340 8.91 16.63 22.62
C PRO A 340 9.77 15.37 22.46
N ARG A 341 10.77 15.44 21.56
CA ARG A 341 11.66 14.32 21.29
C ARG A 341 13.14 14.67 21.61
N GLU A 342 13.94 13.68 21.92
CA GLU A 342 15.38 13.93 22.16
C GLU A 342 16.18 13.49 20.91
N ILE A 343 17.06 14.34 20.40
CA ILE A 343 17.90 13.96 19.23
C ILE A 343 19.15 13.24 19.72
N THR A 344 19.35 11.99 19.28
CA THR A 344 20.57 11.25 19.62
C THR A 344 21.06 10.57 18.31
N LEU A 345 22.25 9.96 18.39
CA LEU A 345 22.72 9.11 17.30
C LEU A 345 22.70 7.66 17.76
N GLY A 346 22.15 6.77 16.93
CA GLY A 346 22.05 5.34 17.21
C GLY A 346 23.34 4.60 16.92
N ASP A 347 23.30 3.29 17.19
CA ASP A 347 24.47 2.50 16.97
CA ASP A 347 24.43 2.39 16.93
C ASP A 347 24.84 2.47 15.47
N ASP A 348 23.88 2.72 14.58
CA ASP A 348 24.18 2.61 13.16
C ASP A 348 24.69 3.93 12.63
N GLY A 349 24.79 4.92 13.52
CA GLY A 349 25.23 6.26 13.17
C GLY A 349 24.13 7.22 12.74
N ASP A 350 22.89 6.75 12.66
CA ASP A 350 21.80 7.62 12.21
C ASP A 350 21.11 8.29 13.39
N VAL A 351 20.49 9.40 13.09
CA VAL A 351 19.64 10.07 14.08
C VAL A 351 18.49 9.20 14.59
N VAL A 352 18.25 9.31 15.89
CA VAL A 352 17.15 8.70 16.59
C VAL A 352 16.43 9.84 17.30
N THR A 353 15.10 9.86 17.22
CA THR A 353 14.32 10.85 17.94
C THR A 353 13.23 10.17 18.79
N ALA A 354 13.62 9.60 19.92
CA ALA A 354 12.65 9.07 20.83
C ALA A 354 11.93 10.16 21.58
N PRO A 355 10.72 9.85 22.13
CA PRO A 355 10.08 10.81 23.04
C PRO A 355 11.09 11.10 24.18
N VAL A 356 11.16 12.33 24.65
CA VAL A 356 11.98 12.56 25.88
C VAL A 356 11.50 11.65 27.03
N ALA A 357 12.42 11.30 27.94
CA ALA A 357 12.10 10.39 29.00
C ALA A 357 10.96 10.91 29.91
N GLU A 358 10.81 12.24 29.98
CA GLU A 358 9.75 12.81 30.84
C GLU A 358 8.36 12.34 30.36
N MET A 359 8.28 11.91 29.11
CA MET A 359 6.94 11.51 28.58
C MET A 359 6.41 10.27 29.26
N GLU A 360 7.27 9.51 29.95
CA GLU A 360 6.77 8.34 30.64
C GLU A 360 5.83 8.74 31.77
N GLY A 361 5.96 10.01 32.19
CA GLY A 361 5.12 10.56 33.27
C GLY A 361 3.67 10.83 32.80
N LEU A 362 3.42 10.74 31.48
CA LEU A 362 2.03 10.84 30.97
C LEU A 362 1.19 9.63 31.32
N ARG A 363 1.83 8.52 31.69
CA ARG A 363 1.11 7.29 31.85
C ARG A 363 0.38 7.26 33.18
N GLU A 364 -0.95 7.09 33.14
CA GLU A 364 -1.76 6.91 34.35
C GLU A 364 -1.74 5.47 34.85
N ASP A 365 -1.51 4.52 33.95
CA ASP A 365 -1.61 3.09 34.30
C ASP A 365 -0.86 2.29 33.24
N THR A 366 -0.71 0.97 33.43
CA THR A 366 -0.13 0.08 32.46
C THR A 366 -1.05 -1.13 32.42
N LEU A 367 -1.53 -1.48 31.25
CA LEU A 367 -2.36 -2.65 31.07
C LEU A 367 -1.48 -3.61 30.23
N ASP A 368 -0.95 -4.64 30.89
CA ASP A 368 -0.02 -5.54 30.28
C ASP A 368 -0.77 -6.68 29.68
N HIS A 369 -0.81 -6.74 28.35
CA HIS A 369 -1.48 -7.83 27.61
C HIS A 369 -0.60 -9.05 27.44
N GLY A 370 0.70 -8.89 27.68
CA GLY A 370 1.71 -9.94 27.45
C GLY A 370 1.90 -10.28 25.98
N SER A 371 2.14 -11.55 25.72
CA SER A 371 2.37 -12.07 24.40
C SER A 371 0.96 -12.33 23.81
N VAL A 372 0.73 -11.88 22.56
CA VAL A 372 -0.50 -12.22 21.84
C VAL A 372 -0.13 -12.86 20.48
N THR A 373 -0.87 -13.86 20.06
CA THR A 373 -0.65 -14.45 18.74
CA THR A 373 -0.65 -14.45 18.75
C THR A 373 -1.97 -14.49 17.98
N LEU A 374 -1.93 -14.13 16.69
CA LEU A 374 -3.10 -14.39 15.82
C LEU A 374 -2.59 -15.44 14.86
N ASP A 375 -3.29 -16.57 14.73
CA ASP A 375 -2.78 -17.73 13.98
C ASP A 375 -3.00 -17.63 12.46
N MET A 376 -3.81 -16.67 12.05
CA MET A 376 -4.19 -16.52 10.63
C MET A 376 -4.85 -15.18 10.54
N ASP A 377 -5.24 -14.81 9.34
CA ASP A 377 -5.88 -13.50 9.12
C ASP A 377 -6.96 -13.28 10.16
N GLY A 378 -6.89 -12.17 10.87
CA GLY A 378 -7.93 -11.92 11.87
C GLY A 378 -7.70 -10.62 12.60
N GLU A 379 -8.56 -10.35 13.58
CA GLU A 379 -8.49 -9.11 14.35
C GLU A 379 -8.76 -9.44 15.84
N GLN A 380 -8.19 -8.66 16.75
CA GLN A 380 -8.51 -8.82 18.17
C GLN A 380 -8.66 -7.42 18.76
N ILE A 381 -9.73 -7.19 19.50
CA ILE A 381 -9.88 -5.87 20.13
C ILE A 381 -8.92 -5.74 21.32
N ILE A 382 -8.15 -4.65 21.30
CA ILE A 382 -7.20 -4.32 22.34
C ILE A 382 -7.78 -3.31 23.33
N ALA A 383 -8.65 -2.42 22.84
CA ALA A 383 -9.31 -1.38 23.65
C ALA A 383 -10.63 -1.08 22.97
N ASP A 384 -11.75 -1.07 23.71
CA ASP A 384 -13.04 -0.75 23.11
C ASP A 384 -13.27 0.76 22.88
N ASP A 385 -12.62 1.60 23.70
CA ASP A 385 -12.74 3.05 23.58
C ASP A 385 -11.52 3.79 24.11
N ALA A 386 -10.63 4.12 23.17
CA ALA A 386 -9.35 4.73 23.48
C ALA A 386 -9.30 6.14 22.94
N GLU A 387 -9.46 7.11 23.85
CA GLU A 387 -9.36 8.55 23.49
C GLU A 387 -7.88 9.02 23.43
N ALA A 388 -7.10 8.59 24.42
CA ALA A 388 -5.73 9.10 24.55
C ALA A 388 -4.91 8.03 25.30
N VAL A 389 -4.09 7.35 24.53
CA VAL A 389 -3.41 6.12 24.99
C VAL A 389 -2.07 5.97 24.26
N GLU A 390 -1.17 5.20 24.86
CA GLU A 390 0.11 4.89 24.29
C GLU A 390 0.10 3.36 24.24
N ILE A 391 0.47 2.78 23.10
CA ILE A 391 0.61 1.33 22.99
C ILE A 391 2.04 1.03 22.67
N GLU A 392 2.65 0.11 23.43
CA GLU A 392 3.97 -0.35 23.13
C GLU A 392 3.88 -1.78 22.74
N MET A 393 4.45 -2.13 21.61
CA MET A 393 4.41 -3.53 21.24
C MET A 393 5.67 -3.87 20.51
N THR A 394 6.07 -5.13 20.64
CA THR A 394 7.14 -5.71 19.87
C THR A 394 6.54 -6.85 19.05
N ILE A 395 6.77 -6.79 17.74
CA ILE A 395 6.35 -7.82 16.83
C ILE A 395 7.54 -8.70 16.49
N ASP A 396 7.31 -10.00 16.51
CA ASP A 396 8.32 -10.93 16.07
C ASP A 396 8.19 -11.12 14.58
N LEU A 397 9.04 -10.46 13.80
CA LEU A 397 8.98 -10.52 12.33
C LEU A 397 9.38 -11.88 11.79
N ALA A 398 10.32 -12.53 12.47
CA ALA A 398 10.81 -13.83 12.03
C ALA A 398 9.67 -14.84 12.04
N ALA A 399 8.84 -14.82 13.07
CA ALA A 399 7.76 -15.83 13.25
C ALA A 399 6.44 -15.48 12.51
N SER A 400 6.25 -14.24 12.17
CA SER A 400 4.92 -13.80 11.74
C SER A 400 4.86 -14.03 10.24
N THR A 401 3.88 -14.80 9.74
CA THR A 401 3.71 -14.98 8.26
C THR A 401 2.77 -13.96 7.57
N ALA A 402 2.12 -13.14 8.37
CA ALA A 402 1.22 -12.10 7.86
C ALA A 402 2.01 -11.21 6.91
N GLU A 403 1.35 -10.88 5.82
CA GLU A 403 1.84 -9.93 4.85
C GLU A 403 1.88 -8.53 5.30
N ARG A 404 0.98 -8.17 6.22
CA ARG A 404 0.86 -6.84 6.74
C ARG A 404 0.10 -7.05 8.07
N ALA A 405 0.43 -6.25 9.08
CA ALA A 405 -0.06 -6.49 10.42
C ALA A 405 0.18 -5.30 11.27
N GLY A 406 -0.68 -5.07 12.24
CA GLY A 406 -0.48 -3.94 13.08
C GLY A 406 -1.69 -3.64 13.89
N LEU A 407 -1.93 -2.33 14.05
CA LEU A 407 -2.99 -1.76 14.88
C LEU A 407 -3.90 -0.88 14.03
N LYS A 408 -5.21 -1.16 14.08
CA LYS A 408 -6.17 -0.15 13.61
C LYS A 408 -6.56 0.70 14.83
N ILE A 409 -6.34 2.01 14.72
CA ILE A 409 -6.71 2.92 15.77
C ILE A 409 -7.85 3.82 15.33
N HIS A 410 -8.47 4.49 16.30
CA HIS A 410 -9.68 5.25 16.00
C HIS A 410 -10.71 4.39 15.23
N ALA A 411 -10.85 3.10 15.60
CA ALA A 411 -11.72 2.18 14.87
C ALA A 411 -13.15 2.35 15.32
N THR A 412 -13.96 3.02 14.52
CA THR A 412 -15.25 3.39 15.00
C THR A 412 -16.34 2.54 14.41
N GLU A 413 -17.56 2.80 14.86
CA GLU A 413 -18.70 1.91 14.56
C GLU A 413 -19.15 1.94 13.10
N ASP A 414 -18.83 3.03 12.41
CA ASP A 414 -19.03 3.18 10.96
C ASP A 414 -17.99 2.41 10.10
N GLY A 415 -17.04 1.69 10.74
CA GLY A 415 -16.00 0.97 10.01
C GLY A 415 -14.77 1.78 9.58
N ALA A 416 -14.75 3.09 9.90
CA ALA A 416 -13.54 3.92 9.67
C ALA A 416 -12.43 3.59 10.69
N TYR A 417 -11.18 3.86 10.31
CA TYR A 417 -9.96 3.62 11.16
C TYR A 417 -8.75 4.19 10.45
N THR A 418 -7.68 4.34 11.22
CA THR A 418 -6.36 4.61 10.74
C THR A 418 -5.49 3.39 11.04
N TYR A 419 -4.68 2.94 10.08
CA TYR A 419 -4.01 1.66 10.21
C TYR A 419 -2.50 1.92 10.35
N VAL A 420 -1.95 1.43 11.44
CA VAL A 420 -0.49 1.56 11.70
C VAL A 420 0.03 0.17 11.50
N ALA A 421 0.83 -0.06 10.45
CA ALA A 421 1.22 -1.44 10.09
C ALA A 421 2.63 -1.65 9.61
N TYR A 422 3.15 -2.84 9.89
CA TYR A 422 4.31 -3.29 9.16
C TYR A 422 3.81 -3.89 7.85
N ASP A 423 4.49 -3.54 6.75
CA ASP A 423 4.14 -3.97 5.43
C ASP A 423 5.32 -4.75 4.89
N GLY A 424 5.15 -6.07 4.81
CA GLY A 424 6.21 -7.02 4.44
C GLY A 424 6.58 -7.02 2.99
N GLN A 425 5.68 -6.48 2.13
CA GLN A 425 6.03 -6.41 0.73
C GLN A 425 7.00 -5.27 0.45
N ILE A 426 6.89 -4.18 1.19
CA ILE A 426 7.84 -3.07 1.01
C ILE A 426 8.90 -3.00 2.14
N GLY A 427 8.69 -3.76 3.22
CA GLY A 427 9.58 -3.77 4.40
C GLY A 427 9.60 -2.39 5.06
N ARG A 428 8.40 -1.83 5.34
CA ARG A 428 8.27 -0.50 5.95
C ARG A 428 7.17 -0.46 6.99
N VAL A 429 7.19 0.56 7.84
CA VAL A 429 6.08 0.82 8.75
C VAL A 429 5.22 1.88 8.13
N VAL A 430 3.93 1.61 7.96
CA VAL A 430 3.08 2.58 7.27
C VAL A 430 1.98 3.10 8.22
N VAL A 431 1.52 4.33 7.96
CA VAL A 431 0.32 4.87 8.54
C VAL A 431 -0.59 5.10 7.36
N ASP A 432 -1.72 4.41 7.35
CA ASP A 432 -2.60 4.41 6.19
C ASP A 432 -3.97 4.91 6.61
N ARG A 433 -4.40 6.02 6.00
CA ARG A 433 -5.67 6.64 6.31
C ARG A 433 -6.81 6.37 5.33
N GLN A 434 -6.65 5.36 4.46
CA GLN A 434 -7.63 5.15 3.41
C GLN A 434 -9.05 4.99 3.89
N ALA A 435 -9.20 4.42 5.08
CA ALA A 435 -10.53 4.14 5.61
C ALA A 435 -11.08 5.27 6.50
N MET A 436 -10.36 6.37 6.66
CA MET A 436 -10.87 7.47 7.52
CA MET A 436 -10.80 7.53 7.49
C MET A 436 -12.05 8.23 6.88
N ALA A 437 -13.02 8.62 7.71
CA ALA A 437 -14.24 9.26 7.23
C ALA A 437 -14.11 10.77 7.15
N ASN A 438 -13.06 11.31 7.74
CA ASN A 438 -12.89 12.77 7.86
C ASN A 438 -11.44 13.09 7.52
N GLY A 439 -11.16 14.23 6.86
CA GLY A 439 -9.76 14.71 6.55
C GLY A 439 -9.19 14.04 5.30
N ASP A 440 -8.04 14.52 4.83
CA ASP A 440 -7.40 13.84 3.70
C ASP A 440 -6.74 12.56 4.17
N ARG A 441 -6.53 11.63 3.23
CA ARG A 441 -6.32 10.22 3.57
C ARG A 441 -4.89 9.89 3.15
N GLY A 442 -4.70 8.91 2.25
CA GLY A 442 -3.36 8.54 1.79
C GLY A 442 -2.60 7.72 2.83
N TYR A 443 -1.37 7.36 2.49
CA TYR A 443 -0.50 6.66 3.45
C TYR A 443 0.93 7.17 3.39
N ARG A 444 1.67 6.89 4.42
CA ARG A 444 3.07 7.27 4.51
C ARG A 444 3.82 6.06 4.96
N ALA A 445 5.06 5.87 4.45
CA ALA A 445 5.79 4.63 4.80
C ALA A 445 7.23 4.97 5.17
N ALA A 446 7.64 4.53 6.35
CA ALA A 446 8.96 4.91 6.93
C ALA A 446 9.90 3.74 6.64
N PRO A 447 11.16 4.02 6.26
CA PRO A 447 12.04 2.93 5.82
C PRO A 447 12.55 2.15 7.02
N LEU A 448 12.79 0.86 6.79
CA LEU A 448 13.60 0.04 7.70
C LEU A 448 14.89 -0.38 7.02
N THR A 449 16.00 -0.33 7.75
CA THR A 449 17.25 -0.73 7.19
C THR A 449 17.34 -2.27 7.04
N ASP A 450 18.26 -2.76 6.23
CA ASP A 450 18.47 -4.22 6.12
C ASP A 450 18.74 -4.86 7.50
N ALA A 451 19.55 -4.18 8.30
CA ALA A 451 19.84 -4.64 9.64
C ALA A 451 18.56 -4.72 10.53
N GLU A 452 17.69 -3.74 10.42
CA GLU A 452 16.39 -3.76 11.13
C GLU A 452 15.46 -4.86 10.62
N LEU A 453 15.53 -5.14 9.34
CA LEU A 453 14.69 -6.19 8.81
C LEU A 453 15.27 -7.53 9.28
N ALA A 454 16.61 -7.64 9.30
CA ALA A 454 17.30 -8.88 9.70
C ALA A 454 17.20 -9.19 11.20
N SER A 455 16.92 -8.21 12.04
CA SER A 455 16.96 -8.43 13.50
C SER A 455 15.90 -9.41 13.96
N GLY A 456 14.79 -9.47 13.26
CA GLY A 456 13.71 -10.38 13.58
C GLY A 456 12.62 -9.80 14.48
N LYS A 457 12.80 -8.57 14.94
CA LYS A 457 11.89 -7.95 15.90
C LYS A 457 11.66 -6.50 15.48
N LEU A 458 10.46 -6.01 15.72
CA LEU A 458 10.10 -4.62 15.37
C LEU A 458 9.38 -4.05 16.56
N ASP A 459 9.86 -2.91 17.06
CA ASP A 459 9.22 -2.21 18.20
C ASP A 459 8.42 -1.03 17.67
N LEU A 460 7.18 -0.89 18.16
CA LEU A 460 6.32 0.29 17.87
C LEU A 460 5.91 0.87 19.22
N ARG A 461 6.00 2.18 19.30
CA ARG A 461 5.44 2.91 20.44
C ARG A 461 4.46 3.93 19.82
N VAL A 462 3.16 3.70 19.98
CA VAL A 462 2.08 4.45 19.29
C VAL A 462 1.32 5.33 20.23
N PHE A 463 1.33 6.63 19.97
CA PHE A 463 0.62 7.55 20.84
C PHE A 463 -0.62 7.97 20.06
N VAL A 464 -1.77 7.61 20.62
CA VAL A 464 -3.06 8.05 20.06
C VAL A 464 -3.58 9.21 20.88
N ASP A 465 -3.94 10.33 20.24
CA ASP A 465 -4.59 11.40 20.95
C ASP A 465 -5.95 11.62 20.22
N ARG A 466 -6.70 12.64 20.60
CA ARG A 466 -8.12 12.76 20.06
C ARG A 466 -8.17 12.95 18.57
N GLY A 467 -7.12 13.53 18.01
CA GLY A 467 -7.07 13.86 16.59
C GLY A 467 -5.80 13.49 15.88
N SER A 468 -4.96 12.65 16.50
CA SER A 468 -3.63 12.40 15.93
C SER A 468 -3.10 11.05 16.31
N VAL A 469 -2.12 10.60 15.54
CA VAL A 469 -1.32 9.46 15.91
C VAL A 469 0.16 9.79 15.69
N GLU A 470 0.97 9.31 16.63
CA GLU A 470 2.43 9.38 16.44
C GLU A 470 3.00 7.96 16.60
N VAL A 471 3.73 7.49 15.59
CA VAL A 471 4.31 6.13 15.65
C VAL A 471 5.85 6.17 15.76
N TYR A 472 6.37 5.65 16.87
CA TYR A 472 7.83 5.68 17.11
C TYR A 472 8.33 4.29 16.80
N VAL A 473 9.15 4.19 15.78
CA VAL A 473 9.60 2.91 15.27
C VAL A 473 11.01 2.61 15.82
N ASN A 474 11.16 1.42 16.43
CA ASN A 474 12.49 1.02 16.90
C ASN A 474 13.13 2.12 17.77
N GLY A 475 12.39 2.57 18.76
CA GLY A 475 12.99 3.50 19.72
C GLY A 475 13.04 4.94 19.20
N GLY A 476 12.31 5.25 18.15
CA GLY A 476 12.37 6.58 17.51
C GLY A 476 13.43 6.67 16.39
N HIS A 477 13.93 5.52 15.93
CA HIS A 477 14.79 5.54 14.74
C HIS A 477 14.05 6.14 13.53
N GLN A 478 12.78 5.82 13.42
CA GLN A 478 11.88 6.58 12.55
C GLN A 478 10.62 6.95 13.37
N VAL A 479 9.93 8.00 12.90
CA VAL A 479 8.67 8.44 13.49
C VAL A 479 7.74 8.84 12.39
N LEU A 480 6.46 8.51 12.58
CA LEU A 480 5.42 8.98 11.63
C LEU A 480 4.38 9.69 12.46
N SER A 481 4.17 10.98 12.19
CA SER A 481 3.13 11.77 12.87
C SER A 481 2.08 12.16 11.84
N SER A 482 0.82 11.89 12.19
CA SER A 482 -0.33 12.12 11.33
C SER A 482 -1.59 12.47 12.06
N TYR A 483 -2.36 13.40 11.50
CA TYR A 483 -3.70 13.63 12.01
C TYR A 483 -4.58 12.44 11.65
N SER A 484 -5.50 12.15 12.55
CA SER A 484 -6.47 11.05 12.38
C SER A 484 -7.74 11.55 12.97
N TYR A 485 -8.63 12.02 12.11
CA TYR A 485 -9.86 12.66 12.63
C TYR A 485 -10.97 11.61 12.84
N ALA A 486 -10.96 10.96 14.01
CA ALA A 486 -11.89 9.88 14.33
C ALA A 486 -13.34 10.29 14.09
N SER A 487 -14.17 9.34 13.68
CA SER A 487 -15.60 9.54 13.62
C SER A 487 -16.21 9.48 15.03
N GLU A 488 -17.54 9.55 15.03
CA GLU A 488 -18.37 9.63 16.24
C GLU A 488 -18.38 8.28 16.99
N GLY A 489 -18.68 8.31 18.26
CA GLY A 489 -18.84 7.07 19.02
C GLY A 489 -17.57 6.58 19.67
N PRO A 490 -17.62 5.35 20.21
CA PRO A 490 -16.49 4.65 20.78
C PRO A 490 -15.39 4.40 19.75
N ARG A 491 -14.16 4.64 20.17
CA ARG A 491 -12.99 4.54 19.29
C ARG A 491 -12.12 3.34 19.67
N ALA A 492 -12.34 2.21 19.03
CA ALA A 492 -11.64 1.00 19.41
C ALA A 492 -10.17 1.01 18.93
N ILE A 493 -9.38 0.10 19.51
CA ILE A 493 -8.09 -0.26 18.96
C ILE A 493 -8.08 -1.75 18.75
N LYS A 494 -7.66 -2.14 17.53
CA LYS A 494 -7.64 -3.56 17.16
C LYS A 494 -6.26 -3.97 16.63
N LEU A 495 -5.80 -5.12 17.10
CA LEU A 495 -4.64 -5.76 16.54
C LEU A 495 -5.10 -6.53 15.31
N VAL A 496 -4.33 -6.49 14.19
CA VAL A 496 -4.80 -7.01 12.93
C VAL A 496 -3.68 -7.79 12.29
N ALA A 497 -3.99 -8.97 11.75
CA ALA A 497 -3.04 -9.73 10.92
C ALA A 497 -3.71 -9.98 9.59
N GLU A 498 -2.99 -9.71 8.51
CA GLU A 498 -3.55 -10.02 7.18
C GLU A 498 -2.85 -11.12 6.47
N SER A 499 -3.63 -12.12 6.09
CA SER A 499 -3.20 -13.23 5.21
C SER A 499 -2.01 -14.04 5.79
N GLY A 500 -1.98 -14.16 7.10
CA GLY A 500 -0.96 -14.98 7.77
C GLY A 500 -0.94 -14.69 9.27
N SER A 501 0.05 -15.26 9.98
CA SER A 501 0.06 -15.20 11.44
C SER A 501 0.72 -13.94 11.96
N LEU A 502 0.41 -13.53 13.20
CA LEU A 502 1.11 -12.41 13.80
C LEU A 502 1.56 -12.83 15.19
N LYS A 503 2.88 -12.82 15.43
CA LYS A 503 3.38 -13.03 16.80
C LYS A 503 3.83 -11.69 17.44
N VAL A 504 3.16 -11.29 18.51
CA VAL A 504 3.47 -10.09 19.21
C VAL A 504 4.06 -10.59 20.55
N ASP A 505 5.31 -10.25 20.79
CA ASP A 505 6.01 -10.76 21.98
C ASP A 505 5.63 -10.00 23.21
N SER A 506 5.22 -8.75 23.02
CA SER A 506 4.82 -7.89 24.13
C SER A 506 3.84 -6.83 23.65
N LEU A 507 2.78 -6.61 24.42
CA LEU A 507 1.83 -5.55 24.12
C LEU A 507 1.39 -4.92 25.44
N LYS A 508 1.61 -3.60 25.54
CA LYS A 508 1.23 -2.85 26.73
C LYS A 508 0.44 -1.62 26.35
N LEU A 509 -0.65 -1.35 27.07
CA LEU A 509 -1.34 -0.11 26.81
C LEU A 509 -1.28 0.79 28.06
N HIS A 510 -1.12 2.12 27.86
CA HIS A 510 -1.17 3.06 28.95
C HIS A 510 -2.18 4.18 28.63
N HIS A 511 -3.12 4.46 29.53
CA HIS A 511 -3.91 5.70 29.35
C HIS A 511 -3.07 6.94 29.62
N MET A 512 -3.32 8.00 28.86
CA MET A 512 -2.54 9.22 28.91
C MET A 512 -3.28 10.23 29.76
N LYS A 513 -2.54 10.92 30.61
CA LYS A 513 -3.07 12.02 31.41
CA LYS A 513 -3.11 12.01 31.40
C LYS A 513 -3.30 13.22 30.49
N SER A 514 -4.13 14.16 30.92
CA SER A 514 -4.23 15.47 30.27
C SER A 514 -3.02 16.33 30.70
N ILE A 515 -2.51 17.19 29.83
CA ILE A 515 -1.42 18.14 30.21
C ILE A 515 -1.99 19.46 30.71
N GLY A 516 -3.33 19.49 30.85
CA GLY A 516 -3.97 20.53 31.55
C GLY A 516 -4.37 21.76 30.73
N LEU A 517 -3.97 21.79 29.48
CA LEU A 517 -4.20 22.96 28.59
C LEU A 517 -5.63 22.98 28.04
N GLU A 518 -6.28 21.84 27.98
CA GLU A 518 -7.65 21.78 27.52
C GLU A 518 -8.59 22.29 28.65
N LEU A 519 -8.06 22.41 29.87
CA LEU A 519 -8.82 22.77 31.07
C LEU A 519 -9.92 21.70 31.28
N GLU A 520 -11.12 22.07 31.70
CA GLU A 520 -12.13 21.05 32.00
C GLU A 520 -12.50 20.31 30.73
N HIS A 521 -12.58 18.97 30.81
CA HIS A 521 -12.86 18.13 29.63
C HIS A 521 -13.94 17.06 29.85
N HIS A 522 -14.51 16.57 28.74
CA HIS A 522 -15.59 15.56 28.77
C HIS A 522 -15.20 14.17 28.22
N HIS A 523 -15.00 13.22 29.13
CA HIS A 523 -14.81 11.82 28.72
C HIS A 523 -15.99 10.98 29.25
N MET B 1 13.07 -49.92 -16.45
CA MET B 1 11.79 -49.64 -17.17
C MET B 1 11.96 -48.66 -18.38
N THR B 2 13.04 -48.86 -19.16
CA THR B 2 13.38 -47.98 -20.33
C THR B 2 12.20 -47.63 -21.28
N ASP B 3 11.23 -48.55 -21.43
CA ASP B 3 10.02 -48.26 -22.21
C ASP B 3 8.84 -47.89 -21.32
N PHE B 4 8.85 -46.63 -20.92
CA PHE B 4 7.75 -46.04 -20.21
C PHE B 4 6.83 -45.36 -21.23
N THR B 5 7.02 -45.69 -22.51
CA THR B 5 6.13 -45.20 -23.57
C THR B 5 5.58 -46.39 -24.38
N PRO B 6 4.49 -47.00 -23.90
CA PRO B 6 3.87 -48.17 -24.56
C PRO B 6 3.44 -47.91 -26.03
N GLU B 7 3.66 -48.94 -26.85
CA GLU B 7 3.26 -48.98 -28.25
C GLU B 7 1.75 -48.90 -28.41
N THR B 8 0.99 -49.48 -27.49
CA THR B 8 -0.49 -49.40 -27.56
C THR B 8 -0.93 -48.96 -26.16
N PRO B 9 -2.08 -48.27 -26.06
CA PRO B 9 -2.46 -47.80 -24.72
C PRO B 9 -2.73 -48.95 -23.78
N VAL B 10 -2.45 -48.75 -22.50
CA VAL B 10 -2.67 -49.75 -21.46
C VAL B 10 -3.97 -49.37 -20.78
N LEU B 11 -5.01 -50.17 -21.05
CA LEU B 11 -6.36 -49.89 -20.56
C LEU B 11 -6.75 -50.84 -19.44
N THR B 12 -7.13 -50.28 -18.30
CA THR B 12 -7.24 -51.08 -17.09
C THR B 12 -8.45 -50.66 -16.25
N PRO B 13 -9.68 -51.03 -16.69
CA PRO B 13 -10.87 -50.56 -15.98
C PRO B 13 -11.10 -51.26 -14.64
N ILE B 14 -11.43 -50.50 -13.60
CA ILE B 14 -11.66 -51.12 -12.28
C ILE B 14 -13.01 -50.76 -11.69
N ARG B 15 -13.69 -49.80 -12.31
CA ARG B 15 -15.03 -49.38 -11.90
C ARG B 15 -15.86 -49.10 -13.15
N ASP B 16 -17.19 -49.08 -13.00
CA ASP B 16 -18.09 -48.76 -14.13
C ASP B 16 -18.18 -47.25 -14.26
N HIS B 17 -17.61 -46.74 -15.34
CA HIS B 17 -17.52 -45.27 -15.52
C HIS B 17 -18.91 -44.60 -15.47
N ALA B 18 -19.90 -45.19 -16.14
CA ALA B 18 -21.23 -44.56 -16.17
C ALA B 18 -21.86 -44.52 -14.79
N ALA B 19 -21.65 -45.57 -13.99
CA ALA B 19 -22.13 -45.57 -12.60
C ALA B 19 -21.39 -44.54 -11.72
N GLU B 20 -20.12 -44.29 -12.03
CA GLU B 20 -19.34 -43.33 -11.23
C GLU B 20 -19.79 -41.91 -11.61
N LEU B 21 -19.94 -41.69 -12.93
CA LEU B 21 -20.50 -40.43 -13.42
C LEU B 21 -21.86 -40.14 -12.77
N ALA B 22 -22.71 -41.17 -12.66
CA ALA B 22 -24.05 -41.04 -12.10
C ALA B 22 -24.03 -40.66 -10.63
N LYS B 23 -23.11 -41.25 -9.87
CA LYS B 23 -22.89 -40.85 -8.50
C LYS B 23 -22.48 -39.37 -8.38
N ALA B 24 -21.47 -38.98 -9.20
CA ALA B 24 -20.96 -37.59 -9.25
C ALA B 24 -22.06 -36.59 -9.55
N GLU B 25 -22.94 -36.93 -10.51
CA GLU B 25 -24.07 -36.04 -10.86
C GLU B 25 -25.01 -35.83 -9.67
N ALA B 26 -25.26 -36.89 -8.92
CA ALA B 26 -26.12 -36.80 -7.75
C ALA B 26 -25.48 -35.90 -6.66
N GLY B 27 -24.17 -36.01 -6.50
CA GLY B 27 -23.50 -35.17 -5.52
C GLY B 27 -23.57 -33.70 -5.85
N VAL B 28 -23.31 -33.36 -7.10
CA VAL B 28 -23.36 -31.96 -7.53
C VAL B 28 -24.76 -31.37 -7.43
N ALA B 29 -25.79 -32.12 -7.84
CA ALA B 29 -27.16 -31.61 -7.81
C ALA B 29 -27.61 -31.34 -6.37
N GLU B 30 -27.19 -32.17 -5.43
CA GLU B 30 -27.54 -31.95 -4.05
CA GLU B 30 -27.53 -31.97 -4.03
C GLU B 30 -26.89 -30.67 -3.48
N MET B 31 -25.64 -30.39 -3.86
CA MET B 31 -25.02 -29.16 -3.35
C MET B 31 -25.69 -27.95 -4.03
N ALA B 32 -25.97 -28.10 -5.33
CA ALA B 32 -26.62 -27.01 -6.10
C ALA B 32 -27.96 -26.64 -5.48
N ALA B 33 -28.72 -27.67 -5.07
CA ALA B 33 -30.08 -27.50 -4.51
C ALA B 33 -30.10 -26.60 -3.27
N LYS B 34 -29.01 -26.65 -2.49
CA LYS B 34 -28.94 -25.97 -1.17
C LYS B 34 -28.02 -24.75 -1.20
N ARG B 35 -27.36 -24.55 -2.34
CA ARG B 35 -26.32 -23.53 -2.50
C ARG B 35 -26.77 -22.13 -2.15
N ASN B 36 -25.93 -21.37 -1.45
CA ASN B 36 -26.17 -19.99 -1.12
CA ASN B 36 -26.20 -19.94 -1.14
C ASN B 36 -25.55 -19.05 -2.19
N ASN B 37 -26.33 -18.12 -2.71
CA ASN B 37 -25.89 -17.36 -3.88
C ASN B 37 -25.21 -16.04 -3.58
N ARG B 38 -25.01 -15.72 -2.32
CA ARG B 38 -24.44 -14.39 -1.93
C ARG B 38 -23.17 -13.99 -2.67
N TRP B 39 -22.23 -14.93 -2.83
CA TRP B 39 -20.98 -14.65 -3.53
C TRP B 39 -20.88 -15.41 -4.85
N TYR B 40 -21.95 -16.10 -5.24
CA TYR B 40 -21.94 -16.93 -6.47
C TYR B 40 -21.90 -16.07 -7.73
N PRO B 41 -21.02 -16.41 -8.69
CA PRO B 41 -20.87 -15.49 -9.82
C PRO B 41 -22.06 -15.44 -10.75
N LYS B 42 -22.35 -14.26 -11.28
CA LYS B 42 -23.43 -14.14 -12.24
C LYS B 42 -22.87 -14.33 -13.66
N TYR B 43 -21.57 -14.06 -13.86
CA TYR B 43 -21.01 -14.08 -15.22
C TYR B 43 -19.59 -14.69 -15.29
N HIS B 44 -19.27 -15.54 -14.30
CA HIS B 44 -18.06 -16.36 -14.39
C HIS B 44 -18.51 -17.77 -14.25
N ILE B 45 -17.71 -18.68 -14.81
CA ILE B 45 -17.93 -20.15 -14.69
C ILE B 45 -17.52 -20.70 -13.32
N ALA B 46 -18.48 -21.35 -12.64
CA ALA B 46 -18.26 -22.15 -11.41
C ALA B 46 -19.05 -23.43 -11.60
N SER B 47 -18.78 -24.42 -10.77
CA SER B 47 -19.67 -25.58 -10.73
C SER B 47 -21.03 -25.16 -10.18
N ASN B 48 -22.08 -25.83 -10.61
CA ASN B 48 -23.39 -25.58 -10.01
C ASN B 48 -23.43 -26.05 -8.52
N GLY B 49 -22.56 -27.00 -8.19
CA GLY B 49 -22.37 -27.47 -6.85
C GLY B 49 -20.95 -28.00 -6.66
N GLY B 50 -20.34 -27.67 -5.54
CA GLY B 50 -19.03 -28.21 -5.16
C GLY B 50 -17.81 -27.39 -5.56
N TRP B 51 -16.64 -27.94 -5.24
CA TRP B 51 -15.34 -27.32 -5.44
C TRP B 51 -14.89 -27.52 -6.87
N ILE B 52 -14.36 -26.45 -7.49
CA ILE B 52 -13.57 -26.64 -8.74
C ILE B 52 -12.16 -26.16 -8.59
N ASN B 53 -11.30 -26.59 -9.52
CA ASN B 53 -10.03 -25.93 -9.74
C ASN B 53 -9.69 -25.77 -11.22
N ASP B 54 -8.56 -26.28 -11.65
CA ASP B 54 -7.99 -25.86 -12.97
C ASP B 54 -8.97 -25.98 -14.10
N PRO B 55 -8.97 -25.01 -15.02
CA PRO B 55 -9.70 -25.22 -16.26
C PRO B 55 -9.00 -26.33 -17.09
N ASN B 56 -9.80 -27.14 -17.79
CA ASN B 56 -9.28 -28.32 -18.53
C ASN B 56 -9.95 -28.44 -19.88
N GLY B 57 -9.29 -29.14 -20.83
CA GLY B 57 -9.91 -29.60 -22.05
C GLY B 57 -10.44 -28.44 -22.89
N LEU B 58 -9.85 -27.26 -22.70
CA LEU B 58 -10.32 -26.05 -23.40
C LEU B 58 -10.17 -26.16 -24.91
N CYS B 59 -11.27 -25.86 -25.62
CA CYS B 59 -11.26 -25.96 -27.06
C CYS B 59 -12.47 -25.27 -27.67
N PHE B 60 -12.33 -24.97 -28.96
CA PHE B 60 -13.51 -24.71 -29.78
C PHE B 60 -13.60 -25.86 -30.78
N TYR B 61 -14.74 -26.51 -30.82
CA TYR B 61 -14.85 -27.74 -31.55
C TYR B 61 -16.28 -27.86 -32.03
N LYS B 62 -16.47 -28.19 -33.31
CA LYS B 62 -17.83 -28.44 -33.87
C LYS B 62 -18.86 -27.36 -33.50
N GLY B 63 -18.41 -26.11 -33.61
CA GLY B 63 -19.29 -24.96 -33.46
C GLY B 63 -19.58 -24.52 -32.03
N ARG B 64 -18.84 -25.07 -31.05
CA ARG B 64 -19.07 -24.71 -29.64
C ARG B 64 -17.78 -24.45 -28.92
N TRP B 65 -17.83 -23.48 -28.00
CA TRP B 65 -16.77 -23.31 -27.01
C TRP B 65 -17.01 -24.34 -25.91
N HIS B 66 -15.96 -24.99 -25.46
CA HIS B 66 -16.02 -25.91 -24.33
C HIS B 66 -15.04 -25.56 -23.28
N VAL B 67 -15.53 -25.61 -22.03
CA VAL B 67 -14.69 -25.45 -20.89
C VAL B 67 -14.96 -26.64 -19.98
N PHE B 68 -13.93 -27.41 -19.68
CA PHE B 68 -14.03 -28.41 -18.62
C PHE B 68 -13.25 -27.88 -17.39
N TYR B 69 -13.35 -28.55 -16.25
CA TYR B 69 -12.60 -28.05 -15.08
C TYR B 69 -12.51 -29.22 -14.08
N GLN B 70 -11.46 -29.17 -13.29
CA GLN B 70 -11.25 -30.10 -12.19
C GLN B 70 -12.38 -29.82 -11.23
N LEU B 71 -13.01 -30.88 -10.78
CA LEU B 71 -14.23 -30.79 -9.99
C LEU B 71 -14.16 -31.86 -8.88
N HIS B 72 -14.59 -31.49 -7.67
CA HIS B 72 -14.84 -32.45 -6.60
C HIS B 72 -16.36 -32.48 -6.41
N PRO B 73 -17.05 -33.53 -6.89
CA PRO B 73 -18.49 -33.41 -6.87
C PRO B 73 -19.17 -33.72 -5.56
N TYR B 74 -18.40 -33.94 -4.50
CA TYR B 74 -18.97 -34.38 -3.18
C TYR B 74 -18.78 -33.42 -2.01
N GLY B 75 -18.12 -32.29 -2.26
CA GLY B 75 -17.89 -31.26 -1.22
C GLY B 75 -17.26 -29.99 -1.77
N THR B 76 -16.88 -29.09 -0.87
CA THR B 76 -16.37 -27.76 -1.27
C THR B 76 -14.89 -27.58 -0.97
N GLN B 77 -14.23 -28.68 -0.60
CA GLN B 77 -12.77 -28.71 -0.62
C GLN B 77 -12.31 -29.64 -1.75
N TRP B 78 -11.00 -29.64 -2.00
CA TRP B 78 -10.45 -30.48 -3.05
C TRP B 78 -10.66 -31.98 -2.58
N GLY B 79 -11.01 -32.89 -3.50
CA GLY B 79 -11.28 -34.32 -3.15
C GLY B 79 -11.13 -35.13 -4.44
N PRO B 80 -11.58 -36.39 -4.49
CA PRO B 80 -11.50 -37.20 -5.73
C PRO B 80 -11.87 -36.44 -7.01
N MET B 81 -10.86 -36.24 -7.85
CA MET B 81 -10.98 -35.35 -9.02
C MET B 81 -11.77 -35.95 -10.21
N HIS B 82 -12.72 -35.15 -10.69
CA HIS B 82 -13.60 -35.44 -11.81
C HIS B 82 -13.42 -34.29 -12.82
N TRP B 83 -13.92 -34.43 -14.05
CA TRP B 83 -14.06 -33.23 -14.93
C TRP B 83 -15.49 -32.83 -15.05
N GLY B 84 -15.75 -31.56 -14.72
CA GLY B 84 -17.04 -30.96 -15.06
C GLY B 84 -16.98 -30.31 -16.44
N HIS B 85 -18.13 -29.87 -16.98
CA HIS B 85 -18.22 -29.39 -18.35
C HIS B 85 -19.35 -28.38 -18.59
N VAL B 86 -19.01 -27.25 -19.23
CA VAL B 86 -20.01 -26.28 -19.73
C VAL B 86 -19.69 -25.95 -21.18
N SER B 87 -20.69 -25.58 -21.99
CA SER B 87 -20.41 -25.25 -23.39
C SER B 87 -21.30 -24.10 -23.82
N SER B 88 -20.95 -23.47 -24.94
CA SER B 88 -21.68 -22.33 -25.48
CA SER B 88 -21.72 -22.36 -25.51
C SER B 88 -21.35 -22.13 -26.94
N THR B 89 -22.26 -21.49 -27.67
CA THR B 89 -21.90 -21.10 -29.06
C THR B 89 -21.22 -19.74 -29.15
N ASP B 90 -21.35 -18.94 -28.10
CA ASP B 90 -21.09 -17.50 -28.21
C ASP B 90 -20.20 -16.91 -27.06
N MET B 91 -19.84 -17.78 -26.10
CA MET B 91 -19.10 -17.46 -24.87
C MET B 91 -19.91 -16.53 -23.96
N LEU B 92 -21.21 -16.44 -24.20
CA LEU B 92 -22.10 -15.57 -23.43
C LEU B 92 -23.27 -16.32 -22.81
N ASN B 93 -23.79 -17.32 -23.51
CA ASN B 93 -24.89 -18.05 -22.94
C ASN B 93 -24.42 -19.47 -22.82
N TRP B 94 -24.17 -19.94 -21.59
CA TRP B 94 -23.59 -21.26 -21.39
C TRP B 94 -24.62 -22.26 -20.90
N LYS B 95 -24.36 -23.53 -21.20
CA LYS B 95 -25.19 -24.63 -20.84
C LYS B 95 -24.35 -25.55 -19.96
N ARG B 96 -24.87 -25.95 -18.80
CA ARG B 96 -24.28 -27.05 -18.03
C ARG B 96 -24.39 -28.41 -18.78
N GLU B 97 -23.26 -29.07 -18.95
CA GLU B 97 -23.25 -30.36 -19.60
C GLU B 97 -23.10 -31.48 -18.56
N PRO B 98 -23.19 -32.76 -19.02
CA PRO B 98 -22.87 -33.83 -18.08
C PRO B 98 -21.43 -33.77 -17.59
N ILE B 99 -21.22 -34.23 -16.36
CA ILE B 99 -19.85 -34.48 -15.87
C ILE B 99 -19.19 -35.39 -16.92
N MET B 100 -17.94 -35.08 -17.28
CA MET B 100 -17.25 -35.75 -18.39
C MET B 100 -16.44 -36.98 -17.94
N PHE B 101 -15.62 -36.82 -16.89
CA PHE B 101 -14.78 -37.93 -16.39
C PHE B 101 -14.96 -38.17 -14.91
N ALA B 102 -14.92 -39.45 -14.49
CA ALA B 102 -14.86 -39.87 -13.08
C ALA B 102 -13.78 -40.99 -13.00
N PRO B 103 -13.06 -41.09 -11.86
CA PRO B 103 -11.99 -42.08 -11.77
C PRO B 103 -12.57 -43.48 -11.97
N SER B 104 -12.01 -44.25 -12.90
CA SER B 104 -12.54 -45.59 -13.19
C SER B 104 -11.45 -46.54 -13.73
N LEU B 105 -10.25 -46.02 -13.94
CA LEU B 105 -9.18 -46.86 -14.45
C LEU B 105 -8.14 -46.96 -13.38
N GLU B 106 -7.39 -48.08 -13.37
CA GLU B 106 -6.37 -48.28 -12.30
C GLU B 106 -5.43 -47.08 -12.10
N GLN B 107 -4.84 -46.58 -13.20
CA GLN B 107 -3.81 -45.57 -13.18
C GLN B 107 -4.36 -44.17 -12.83
N GLU B 108 -5.69 -44.02 -12.82
CA GLU B 108 -6.37 -42.79 -12.38
C GLU B 108 -7.29 -42.98 -11.16
N LYS B 109 -7.18 -44.08 -10.43
CA LYS B 109 -8.25 -44.35 -9.48
C LYS B 109 -8.43 -43.36 -8.33
N ASP B 110 -7.37 -42.66 -7.96
CA ASP B 110 -7.43 -41.62 -6.94
C ASP B 110 -7.76 -40.22 -7.54
N GLY B 111 -8.07 -40.14 -8.84
CA GLY B 111 -8.41 -38.82 -9.42
C GLY B 111 -8.08 -38.64 -10.89
N VAL B 112 -8.96 -37.96 -11.60
CA VAL B 112 -8.74 -37.63 -13.02
C VAL B 112 -8.26 -36.17 -13.03
N PHE B 113 -6.93 -36.01 -13.17
CA PHE B 113 -6.25 -34.77 -12.97
C PHE B 113 -6.30 -33.90 -14.27
N SER B 114 -5.54 -32.84 -14.30
CA SER B 114 -5.74 -31.84 -15.36
C SER B 114 -5.32 -32.39 -16.73
N GLY B 115 -5.93 -31.82 -17.76
CA GLY B 115 -5.48 -32.09 -19.11
C GLY B 115 -6.04 -31.14 -20.11
N SER B 116 -5.90 -31.54 -21.37
CA SER B 116 -6.09 -30.61 -22.47
C SER B 116 -6.82 -31.35 -23.60
N ALA B 117 -7.24 -30.61 -24.63
CA ALA B 117 -7.97 -31.18 -25.73
C ALA B 117 -7.41 -30.55 -27.00
N VAL B 118 -7.12 -31.38 -28.00
CA VAL B 118 -6.54 -30.86 -29.24
C VAL B 118 -7.28 -31.48 -30.43
N ILE B 119 -7.35 -30.73 -31.51
CA ILE B 119 -7.97 -31.27 -32.70
C ILE B 119 -6.90 -31.92 -33.57
N ASP B 120 -7.14 -33.16 -34.00
CA ASP B 120 -6.11 -33.93 -34.70
C ASP B 120 -6.14 -33.68 -36.19
N ASP B 121 -5.27 -34.37 -36.93
CA ASP B 121 -5.07 -34.07 -38.36
C ASP B 121 -6.32 -34.39 -39.15
N ASN B 122 -7.17 -35.24 -38.57
CA ASN B 122 -8.42 -35.60 -39.22
C ASN B 122 -9.62 -34.78 -38.73
N GLY B 123 -9.33 -33.74 -37.94
CA GLY B 123 -10.39 -32.85 -37.42
C GLY B 123 -11.15 -33.42 -36.22
N ASP B 124 -10.66 -34.54 -35.66
CA ASP B 124 -11.30 -35.15 -34.52
C ASP B 124 -10.56 -34.72 -33.28
N LEU B 125 -11.32 -34.42 -32.23
CA LEU B 125 -10.74 -34.04 -30.97
C LEU B 125 -10.17 -35.27 -30.22
N ARG B 126 -9.03 -35.09 -29.57
CA ARG B 126 -8.44 -36.04 -28.59
C ARG B 126 -8.12 -35.33 -27.25
N PHE B 127 -8.53 -35.95 -26.13
CA PHE B 127 -8.16 -35.51 -24.81
C PHE B 127 -6.85 -36.19 -24.34
N TYR B 128 -6.01 -35.40 -23.70
CA TYR B 128 -4.88 -35.95 -22.91
C TYR B 128 -5.07 -35.50 -21.49
N TYR B 129 -4.87 -36.39 -20.50
CA TYR B 129 -5.05 -35.98 -19.09
C TYR B 129 -4.12 -36.84 -18.19
N THR B 130 -3.80 -36.36 -16.99
CA THR B 130 -2.99 -37.13 -16.05
C THR B 130 -3.87 -38.03 -15.17
N GLY B 131 -3.52 -39.33 -15.07
CA GLY B 131 -4.09 -40.21 -14.05
C GLY B 131 -3.32 -40.15 -12.75
N HIS B 132 -4.05 -39.97 -11.65
CA HIS B 132 -3.42 -39.84 -10.36
C HIS B 132 -3.63 -41.03 -9.45
N ARG B 133 -2.53 -41.45 -8.82
CA ARG B 133 -2.57 -42.45 -7.73
C ARG B 133 -1.76 -41.87 -6.55
N TRP B 134 -2.11 -42.24 -5.33
CA TRP B 134 -1.14 -42.08 -4.26
C TRP B 134 -0.01 -43.11 -4.38
N ALA B 135 1.22 -42.65 -4.19
CA ALA B 135 2.38 -43.52 -4.30
C ALA B 135 2.31 -44.62 -3.26
N ASN B 136 1.86 -44.28 -2.05
CA ASN B 136 1.76 -45.30 -1.01
C ASN B 136 0.44 -46.05 -1.07
N GLY B 137 -0.29 -45.89 -2.19
CA GLY B 137 -1.60 -46.52 -2.35
C GLY B 137 -2.75 -45.92 -1.53
N HIS B 138 -2.50 -44.94 -0.69
CA HIS B 138 -3.60 -44.51 0.21
C HIS B 138 -3.81 -43.01 0.40
N ASP B 139 -2.71 -42.24 0.55
CA ASP B 139 -2.82 -40.76 0.68
CA ASP B 139 -2.76 -40.80 0.83
C ASP B 139 -1.50 -40.07 0.36
N ASN B 140 -1.43 -38.79 0.68
CA ASN B 140 -0.37 -37.93 0.19
C ASN B 140 0.94 -38.00 0.95
N THR B 141 0.98 -38.77 2.04
CA THR B 141 2.17 -38.86 2.87
C THR B 141 3.33 -39.43 2.05
N GLY B 142 2.99 -40.33 1.14
CA GLY B 142 4.00 -40.95 0.27
C GLY B 142 4.17 -40.26 -1.07
N GLY B 143 3.52 -39.13 -1.28
CA GLY B 143 3.62 -38.43 -2.57
C GLY B 143 2.76 -39.03 -3.66
N ASP B 144 2.98 -38.56 -4.89
CA ASP B 144 2.04 -38.78 -5.98
C ASP B 144 2.58 -39.85 -6.90
N TRP B 145 1.70 -40.53 -7.61
CA TRP B 145 2.12 -41.50 -8.63
C TRP B 145 1.28 -41.20 -9.88
N GLN B 146 1.90 -40.56 -10.87
CA GLN B 146 1.14 -40.00 -11.96
C GLN B 146 1.59 -40.48 -13.32
N VAL B 147 0.60 -40.70 -14.21
CA VAL B 147 0.89 -41.08 -15.63
C VAL B 147 0.00 -40.32 -16.62
N GLN B 148 0.35 -40.35 -17.92
CA GLN B 148 -0.47 -39.67 -18.92
C GLN B 148 -1.41 -40.60 -19.68
N MET B 149 -2.66 -40.15 -19.84
CA MET B 149 -3.81 -40.95 -20.33
C MET B 149 -4.38 -40.24 -21.51
N THR B 150 -5.15 -40.97 -22.33
CA THR B 150 -5.80 -40.32 -23.48
C THR B 150 -7.22 -40.81 -23.63
N ALA B 151 -8.07 -40.01 -24.25
CA ALA B 151 -9.48 -40.36 -24.44
C ALA B 151 -10.06 -39.68 -25.68
N LEU B 152 -11.16 -40.28 -26.17
CA LEU B 152 -11.85 -39.80 -27.37
C LEU B 152 -13.31 -39.49 -27.09
N PRO B 153 -13.84 -38.37 -27.65
CA PRO B 153 -15.27 -38.04 -27.49
C PRO B 153 -16.16 -39.09 -28.12
N ASP B 154 -17.33 -39.31 -27.54
CA ASP B 154 -18.34 -40.19 -28.14
C ASP B 154 -19.22 -39.49 -29.16
N ASN B 155 -19.22 -38.17 -29.15
CA ASN B 155 -20.10 -37.43 -30.07
C ASN B 155 -19.51 -36.03 -30.27
N ASP B 156 -19.93 -35.33 -31.32
CA ASP B 156 -19.47 -33.95 -31.57
C ASP B 156 -19.77 -32.93 -30.46
N GLU B 157 -20.83 -33.18 -29.71
CA GLU B 157 -21.22 -32.32 -28.57
C GLU B 157 -20.32 -32.46 -27.31
N LEU B 158 -19.42 -33.44 -27.33
CA LEU B 158 -18.56 -33.85 -26.24
C LEU B 158 -19.34 -34.10 -24.96
N THR B 159 -20.52 -34.71 -25.05
CA THR B 159 -21.30 -34.91 -23.80
C THR B 159 -20.75 -36.14 -23.07
N SER B 160 -19.91 -36.93 -23.78
CA SER B 160 -19.20 -38.06 -23.17
C SER B 160 -18.00 -38.49 -23.98
N ALA B 161 -17.14 -39.35 -23.41
CA ALA B 161 -15.95 -39.79 -24.10
C ALA B 161 -15.57 -41.22 -23.68
N THR B 162 -14.78 -41.87 -24.52
CA THR B 162 -14.29 -43.23 -24.27
C THR B 162 -12.80 -43.17 -23.93
N LYS B 163 -12.48 -43.69 -22.76
CA LYS B 163 -11.10 -43.76 -22.34
C LYS B 163 -10.34 -44.83 -23.11
N GLN B 164 -9.13 -44.48 -23.54
CA GLN B 164 -8.28 -45.46 -24.21
C GLN B 164 -7.17 -46.00 -23.29
N GLY B 165 -6.95 -45.36 -22.13
CA GLY B 165 -5.87 -45.78 -21.21
C GLY B 165 -4.59 -44.97 -21.23
N MET B 166 -3.56 -45.54 -20.63
CA MET B 166 -2.25 -44.91 -20.42
C MET B 166 -1.32 -44.94 -21.64
N ILE B 167 -0.79 -43.78 -22.01
CA ILE B 167 0.08 -43.67 -23.17
C ILE B 167 1.49 -43.34 -22.77
N ILE B 168 1.66 -42.78 -21.57
CA ILE B 168 3.00 -42.44 -21.06
C ILE B 168 3.09 -42.76 -19.56
N ASP B 169 3.90 -43.78 -19.26
CA ASP B 169 4.18 -44.19 -17.87
C ASP B 169 5.22 -43.25 -17.23
N CYS B 170 5.40 -43.39 -15.92
CA CYS B 170 6.37 -42.61 -15.19
C CYS B 170 7.61 -43.43 -14.82
N PRO B 171 8.81 -42.97 -15.22
CA PRO B 171 10.01 -43.66 -14.79
C PRO B 171 10.34 -43.13 -13.40
N THR B 172 9.66 -43.68 -12.41
CA THR B 172 9.73 -43.24 -11.03
C THR B 172 11.15 -43.04 -10.50
N ASP B 173 12.03 -43.97 -10.85
CA ASP B 173 13.51 -43.83 -10.82
C ASP B 173 14.09 -42.44 -11.14
N LYS B 174 13.52 -41.80 -12.15
CA LYS B 174 14.07 -40.61 -12.75
C LYS B 174 13.37 -39.30 -12.31
N VAL B 175 12.36 -39.40 -11.44
CA VAL B 175 11.55 -38.21 -11.08
C VAL B 175 11.22 -38.23 -9.58
N ASP B 176 10.85 -37.06 -9.02
CA ASP B 176 10.42 -36.95 -7.62
C ASP B 176 8.92 -36.78 -7.56
N HIS B 177 8.24 -37.87 -7.98
CA HIS B 177 6.80 -38.04 -7.92
C HIS B 177 6.01 -37.16 -8.91
N HIS B 178 6.24 -35.85 -8.91
CA HIS B 178 5.39 -34.95 -9.71
C HIS B 178 5.55 -35.19 -11.20
N TYR B 179 4.46 -35.48 -11.90
CA TYR B 179 4.54 -35.95 -13.32
C TYR B 179 3.20 -35.76 -14.01
N ARG B 180 2.85 -34.50 -14.33
CA ARG B 180 1.45 -34.26 -14.73
C ARG B 180 1.25 -32.98 -15.56
N ASP B 181 0.04 -32.91 -16.13
CA ASP B 181 -0.64 -31.77 -16.75
C ASP B 181 -0.20 -31.61 -18.22
N PRO B 182 -0.70 -32.50 -19.11
CA PRO B 182 -0.09 -32.51 -20.44
C PRO B 182 -0.76 -31.52 -21.37
N LYS B 183 0.07 -31.01 -22.28
CA LYS B 183 -0.43 -30.26 -23.40
C LYS B 183 0.23 -30.75 -24.68
N VAL B 184 -0.58 -30.98 -25.71
CA VAL B 184 -0.14 -31.54 -26.98
C VAL B 184 -0.40 -30.49 -28.09
N TRP B 185 0.57 -30.31 -29.00
CA TRP B 185 0.34 -29.42 -30.13
C TRP B 185 1.20 -29.91 -31.27
N LYS B 186 0.95 -29.40 -32.47
CA LYS B 186 1.72 -29.73 -33.63
C LYS B 186 2.56 -28.55 -34.12
N THR B 187 3.82 -28.84 -34.43
CA THR B 187 4.71 -27.93 -35.10
C THR B 187 5.32 -28.67 -36.31
N GLY B 188 5.05 -28.18 -37.51
CA GLY B 188 5.64 -28.81 -38.71
C GLY B 188 4.93 -30.12 -38.95
N ASP B 189 5.69 -31.20 -39.17
CA ASP B 189 5.11 -32.53 -39.36
C ASP B 189 5.04 -33.43 -38.11
N THR B 190 5.17 -32.84 -36.92
CA THR B 190 5.34 -33.65 -35.73
C THR B 190 4.47 -33.09 -34.60
N TRP B 191 3.91 -34.01 -33.82
CA TRP B 191 3.16 -33.67 -32.59
C TRP B 191 4.07 -33.71 -31.41
N TYR B 192 3.86 -32.77 -30.49
CA TYR B 192 4.67 -32.67 -29.30
C TYR B 192 3.78 -32.70 -28.10
N MET B 193 4.33 -33.18 -27.00
CA MET B 193 3.64 -33.08 -25.73
C MET B 193 4.58 -32.50 -24.69
N THR B 194 4.06 -31.70 -23.75
CA THR B 194 4.88 -31.33 -22.63
C THR B 194 4.02 -31.55 -21.41
N PHE B 195 4.67 -31.84 -20.28
CA PHE B 195 3.99 -31.87 -18.98
C PHE B 195 5.02 -31.56 -17.90
N GLY B 196 4.59 -31.37 -16.67
CA GLY B 196 5.47 -30.82 -15.67
C GLY B 196 6.04 -32.00 -14.88
N VAL B 197 7.28 -31.84 -14.44
CA VAL B 197 8.02 -32.91 -13.77
C VAL B 197 8.85 -32.30 -12.62
N SER B 198 8.96 -33.01 -11.51
CA SER B 198 9.96 -32.65 -10.54
C SER B 198 11.07 -33.66 -10.71
N SER B 199 12.25 -33.20 -11.10
CA SER B 199 13.33 -34.11 -11.42
C SER B 199 13.78 -34.87 -10.14
N ALA B 200 14.74 -35.77 -10.29
CA ALA B 200 15.26 -36.53 -9.14
C ALA B 200 16.04 -35.62 -8.17
N ASP B 201 16.48 -34.47 -8.67
CA ASP B 201 17.22 -33.46 -7.90
C ASP B 201 16.27 -32.34 -7.47
N LYS B 202 14.98 -32.64 -7.59
CA LYS B 202 13.84 -31.81 -7.18
C LYS B 202 13.78 -30.46 -7.86
N ARG B 203 14.12 -30.45 -9.14
CA ARG B 203 14.12 -29.21 -9.91
C ARG B 203 12.88 -29.27 -10.78
N GLY B 204 12.19 -28.14 -10.91
CA GLY B 204 10.96 -28.09 -11.69
C GLY B 204 11.30 -28.11 -13.18
N GLN B 205 10.69 -29.05 -13.91
CA GLN B 205 11.06 -29.25 -15.31
C GLN B 205 9.83 -29.38 -16.18
N MET B 206 10.04 -29.17 -17.48
CA MET B 206 9.03 -29.54 -18.48
C MET B 206 9.71 -30.52 -19.45
N TRP B 207 9.08 -31.66 -19.67
CA TRP B 207 9.67 -32.68 -20.58
C TRP B 207 8.96 -32.60 -21.89
N LEU B 208 9.68 -32.97 -22.96
CA LEU B 208 9.17 -32.95 -24.31
C LEU B 208 9.15 -34.36 -24.85
N PHE B 209 7.99 -34.73 -25.37
CA PHE B 209 7.80 -35.98 -26.10
C PHE B 209 7.29 -35.67 -27.50
N SER B 210 7.48 -36.60 -28.42
CA SER B 210 6.97 -36.41 -29.76
C SER B 210 6.25 -37.64 -30.29
N SER B 211 5.46 -37.38 -31.31
CA SER B 211 4.66 -38.43 -31.93
C SER B 211 4.29 -38.07 -33.35
N LYS B 212 4.13 -39.09 -34.19
CA LYS B 212 3.55 -38.85 -35.50
C LYS B 212 2.09 -39.29 -35.58
N ASP B 213 1.60 -40.06 -34.61
CA ASP B 213 0.23 -40.59 -34.69
C ASP B 213 -0.63 -40.23 -33.48
N MET B 214 -0.04 -39.50 -32.52
CA MET B 214 -0.77 -38.96 -31.31
C MET B 214 -0.97 -39.93 -30.17
N VAL B 215 -0.78 -41.23 -30.43
CA VAL B 215 -1.00 -42.24 -29.37
C VAL B 215 0.29 -42.91 -28.91
N ARG B 216 1.24 -43.07 -29.84
CA ARG B 216 2.60 -43.56 -29.55
CA ARG B 216 2.57 -43.56 -29.52
C ARG B 216 3.55 -42.41 -29.36
N TRP B 217 4.14 -42.30 -28.18
CA TRP B 217 5.03 -41.17 -27.87
C TRP B 217 6.49 -41.55 -27.65
N GLU B 218 7.41 -40.65 -27.98
CA GLU B 218 8.83 -40.84 -27.78
C GLU B 218 9.40 -39.68 -26.99
N TYR B 219 10.14 -40.01 -25.93
CA TYR B 219 10.84 -38.98 -25.18
C TYR B 219 11.85 -38.26 -26.08
N GLU B 220 11.84 -36.91 -26.06
CA GLU B 220 12.85 -36.12 -26.79
C GLU B 220 13.91 -35.57 -25.83
N ARG B 221 13.46 -34.81 -24.81
CA ARG B 221 14.40 -34.08 -23.99
C ARG B 221 13.71 -33.34 -22.85
N VAL B 222 14.50 -32.70 -22.01
CA VAL B 222 13.96 -31.71 -21.04
C VAL B 222 13.85 -30.36 -21.80
N LEU B 223 12.62 -29.93 -22.00
CA LEU B 223 12.34 -28.68 -22.72
C LEU B 223 12.77 -27.47 -21.92
N PHE B 224 12.53 -27.49 -20.60
CA PHE B 224 12.86 -26.33 -19.80
C PHE B 224 13.08 -26.75 -18.35
N GLN B 225 14.10 -26.17 -17.71
CA GLN B 225 14.26 -26.33 -16.27
C GLN B 225 14.18 -24.96 -15.55
N HIS B 226 13.33 -24.87 -14.55
CA HIS B 226 13.22 -23.61 -13.79
C HIS B 226 14.56 -23.18 -13.17
N PRO B 227 15.00 -21.96 -13.50
CA PRO B 227 16.31 -21.45 -13.05
C PRO B 227 16.42 -21.27 -11.55
N ASP B 228 15.28 -21.20 -10.85
CA ASP B 228 15.33 -21.01 -9.38
C ASP B 228 15.35 -22.38 -8.69
N PRO B 229 16.45 -22.74 -8.00
CA PRO B 229 16.40 -24.10 -7.44
C PRO B 229 15.34 -24.33 -6.35
N ASP B 230 14.79 -23.29 -5.71
CA ASP B 230 13.64 -23.49 -4.78
C ASP B 230 12.41 -24.01 -5.55
N VAL B 231 12.35 -23.79 -6.86
CA VAL B 231 11.17 -24.22 -7.63
C VAL B 231 11.32 -25.72 -7.99
N PHE B 232 10.48 -26.53 -7.36
CA PHE B 232 10.55 -28.00 -7.47
C PHE B 232 9.57 -28.60 -8.49
N MET B 233 8.61 -27.81 -8.97
CA MET B 233 7.60 -28.37 -9.84
C MET B 233 6.95 -27.27 -10.66
N LEU B 234 6.68 -27.61 -11.93
CA LEU B 234 6.00 -26.74 -12.87
C LEU B 234 4.62 -27.37 -13.21
N GLU B 235 3.57 -26.98 -12.50
CA GLU B 235 2.20 -27.44 -12.81
C GLU B 235 1.60 -26.73 -14.01
N CYS B 236 0.65 -27.39 -14.68
CA CYS B 236 -0.10 -26.82 -15.79
C CYS B 236 0.79 -26.05 -16.84
N PRO B 237 1.82 -26.70 -17.37
CA PRO B 237 2.69 -26.00 -18.30
C PRO B 237 1.91 -25.57 -19.53
N ASP B 238 2.30 -24.44 -20.10
CA ASP B 238 1.77 -24.00 -21.37
C ASP B 238 2.94 -23.73 -22.25
N PHE B 239 2.73 -23.77 -23.57
CA PHE B 239 3.81 -23.52 -24.53
C PHE B 239 3.10 -23.22 -25.86
N SER B 240 3.10 -21.96 -26.27
CA SER B 240 2.41 -21.55 -27.52
CA SER B 240 2.43 -21.57 -27.51
C SER B 240 3.15 -20.43 -28.22
N PRO B 241 3.12 -20.43 -29.57
CA PRO B 241 3.67 -19.31 -30.33
C PRO B 241 2.64 -18.19 -30.33
N ILE B 242 3.11 -16.96 -30.10
CA ILE B 242 2.26 -15.79 -30.20
C ILE B 242 2.85 -14.81 -31.17
N LYS B 243 2.00 -14.33 -32.07
CA LYS B 243 2.44 -13.45 -33.14
C LYS B 243 2.44 -12.01 -32.67
N ASP B 244 3.44 -11.22 -33.07
CA ASP B 244 3.27 -9.76 -32.97
C ASP B 244 2.46 -9.22 -34.16
N LYS B 245 2.24 -7.90 -34.20
CA LYS B 245 1.64 -7.24 -35.39
C LYS B 245 2.66 -7.02 -36.51
N ASP B 246 3.89 -7.43 -36.24
CA ASP B 246 5.03 -7.20 -37.13
C ASP B 246 5.30 -8.43 -38.01
N GLY B 247 4.63 -9.54 -37.70
CA GLY B 247 4.77 -10.75 -38.50
C GLY B 247 5.69 -11.79 -37.85
N ASN B 248 6.18 -11.51 -36.66
CA ASN B 248 7.03 -12.51 -35.98
C ASN B 248 6.30 -13.30 -34.93
N GLU B 249 6.86 -14.46 -34.64
CA GLU B 249 6.29 -15.41 -33.76
C GLU B 249 7.27 -15.46 -32.59
N LYS B 250 6.76 -15.43 -31.35
CA LYS B 250 7.61 -15.65 -30.17
C LYS B 250 7.05 -16.86 -29.48
N TRP B 251 7.87 -17.67 -28.83
CA TRP B 251 7.28 -18.72 -28.05
C TRP B 251 7.12 -18.26 -26.61
N VAL B 252 5.92 -18.41 -26.07
CA VAL B 252 5.63 -18.06 -24.68
C VAL B 252 5.49 -19.34 -23.85
N ILE B 253 6.40 -19.53 -22.90
CA ILE B 253 6.29 -20.68 -22.06
C ILE B 253 5.56 -20.24 -20.78
N GLY B 254 4.67 -21.06 -20.28
CA GLY B 254 3.84 -20.72 -19.08
C GLY B 254 3.91 -21.88 -18.12
N PHE B 255 3.79 -21.61 -16.83
CA PHE B 255 3.74 -22.69 -15.85
C PHE B 255 3.20 -22.12 -14.56
N SER B 256 2.59 -22.99 -13.79
CA SER B 256 2.17 -22.69 -12.42
C SER B 256 3.25 -23.27 -11.49
N ALA B 257 4.15 -22.41 -11.03
CA ALA B 257 5.36 -22.82 -10.32
C ALA B 257 5.14 -22.97 -8.80
N MET B 258 5.60 -24.09 -8.25
CA MET B 258 5.56 -24.36 -6.79
C MET B 258 6.97 -24.24 -6.20
N GLY B 259 7.11 -23.45 -5.15
CA GLY B 259 8.35 -23.43 -4.38
C GLY B 259 9.10 -22.10 -4.33
N SER B 260 8.69 -21.15 -5.18
CA SER B 260 9.30 -19.83 -5.21
C SER B 260 9.07 -19.17 -3.88
N LYS B 261 10.05 -18.41 -3.42
CA LYS B 261 9.83 -17.57 -2.24
C LYS B 261 9.34 -16.18 -2.68
N PRO B 262 8.42 -15.59 -1.91
CA PRO B 262 7.89 -14.25 -2.24
C PRO B 262 9.04 -13.27 -2.14
N SER B 263 9.00 -12.23 -2.96
CA SER B 263 10.05 -11.22 -2.89
C SER B 263 9.50 -9.88 -3.34
N GLY B 264 9.46 -8.89 -2.43
CA GLY B 264 8.83 -7.57 -2.72
C GLY B 264 7.37 -7.84 -3.10
N PHE B 265 6.97 -7.39 -4.29
CA PHE B 265 5.57 -7.60 -4.78
C PHE B 265 5.41 -8.89 -5.60
N MET B 266 6.46 -9.66 -5.76
CA MET B 266 6.48 -10.77 -6.74
C MET B 266 6.28 -12.09 -6.02
N ASN B 267 5.50 -12.98 -6.62
CA ASN B 267 5.39 -14.35 -6.12
C ASN B 267 4.82 -14.42 -4.73
N ARG B 268 3.78 -13.63 -4.48
CA ARG B 268 3.23 -13.56 -3.11
C ARG B 268 2.30 -14.69 -2.72
N ASN B 269 1.73 -15.36 -3.71
CA ASN B 269 0.73 -16.39 -3.46
C ASN B 269 1.40 -17.75 -3.11
N VAL B 270 0.62 -18.68 -2.58
CA VAL B 270 1.21 -19.98 -2.13
C VAL B 270 2.01 -20.62 -3.30
N SER B 271 1.38 -20.63 -4.47
CA SER B 271 2.07 -21.00 -5.75
C SER B 271 1.73 -19.90 -6.76
N ASN B 272 2.49 -19.78 -7.85
CA ASN B 272 2.42 -18.58 -8.69
C ASN B 272 2.59 -19.00 -10.14
N ALA B 273 1.65 -18.57 -11.00
CA ALA B 273 1.72 -18.91 -12.43
C ALA B 273 2.32 -17.76 -13.24
N GLY B 274 3.17 -18.04 -14.23
CA GLY B 274 3.73 -16.92 -14.95
C GLY B 274 4.32 -17.47 -16.23
N TYR B 275 5.03 -16.60 -16.93
CA TYR B 275 5.51 -16.93 -18.28
C TYR B 275 6.87 -16.36 -18.50
N MET B 276 7.56 -16.85 -19.56
CA MET B 276 8.74 -16.26 -20.10
C MET B 276 8.54 -16.24 -21.59
N ILE B 277 9.07 -15.21 -22.25
CA ILE B 277 9.06 -15.14 -23.71
C ILE B 277 10.43 -15.49 -24.28
N GLY B 278 10.46 -16.24 -25.38
CA GLY B 278 11.76 -16.59 -25.98
C GLY B 278 11.61 -17.29 -27.32
N THR B 279 12.58 -18.15 -27.63
CA THR B 279 12.57 -18.82 -28.91
C THR B 279 12.62 -20.33 -28.72
N TRP B 280 12.17 -21.05 -29.75
CA TRP B 280 12.16 -22.51 -29.80
C TRP B 280 12.28 -23.08 -31.20
N GLU B 281 13.24 -23.99 -31.40
CA GLU B 281 13.30 -24.78 -32.66
C GLU B 281 12.87 -26.19 -32.27
N PRO B 282 11.97 -26.80 -33.02
CA PRO B 282 11.41 -28.08 -32.63
C PRO B 282 12.40 -29.20 -32.34
N GLY B 283 12.18 -29.87 -31.20
CA GLY B 283 13.08 -30.93 -30.64
C GLY B 283 14.02 -30.42 -29.55
N GLY B 284 14.19 -29.08 -29.53
CA GLY B 284 15.29 -28.39 -28.85
C GLY B 284 14.77 -27.90 -27.52
N GLU B 285 15.61 -27.20 -26.76
CA GLU B 285 15.16 -26.68 -25.46
C GLU B 285 14.70 -25.25 -25.67
N PHE B 286 13.86 -24.79 -24.75
CA PHE B 286 13.39 -23.44 -24.83
C PHE B 286 14.53 -22.50 -24.46
N LYS B 287 14.70 -21.45 -25.26
CA LYS B 287 15.63 -20.40 -24.85
C LYS B 287 14.91 -19.12 -24.39
N PRO B 288 14.86 -18.85 -23.06
CA PRO B 288 14.15 -17.63 -22.63
C PRO B 288 14.88 -16.36 -22.95
N GLU B 289 14.12 -15.31 -23.22
CA GLU B 289 14.67 -14.00 -23.48
C GLU B 289 14.22 -12.91 -22.48
N THR B 290 13.27 -13.27 -21.61
CA THR B 290 12.75 -12.43 -20.54
C THR B 290 12.89 -13.17 -19.22
N GLU B 291 12.92 -12.43 -18.13
CA GLU B 291 12.72 -13.02 -16.77
C GLU B 291 11.24 -13.44 -16.55
N PHE B 292 11.01 -14.26 -15.52
CA PHE B 292 9.66 -14.70 -15.17
C PHE B 292 8.76 -13.46 -14.86
N ARG B 293 7.55 -13.46 -15.39
CA ARG B 293 6.52 -12.43 -15.13
C ARG B 293 5.23 -13.13 -14.86
N LEU B 294 4.44 -12.62 -13.91
CA LEU B 294 3.13 -13.19 -13.65
C LEU B 294 2.13 -12.97 -14.75
N TRP B 295 1.32 -13.99 -15.02
CA TRP B 295 0.12 -13.85 -15.83
C TRP B 295 -0.85 -12.83 -15.20
N ASP B 296 -1.06 -12.98 -13.90
CA ASP B 296 -2.05 -12.21 -13.16
C ASP B 296 -1.49 -11.83 -11.79
N CYS B 297 -1.56 -10.54 -11.45
CA CYS B 297 -0.91 -10.05 -10.22
C CYS B 297 -1.85 -10.09 -9.02
N GLY B 298 -3.06 -10.61 -9.18
CA GLY B 298 -3.92 -10.61 -8.00
C GLY B 298 -3.76 -11.71 -6.96
N HIS B 299 -4.72 -11.73 -6.04
CA HIS B 299 -4.73 -12.65 -4.91
C HIS B 299 -5.05 -14.10 -5.29
N ASN B 300 -5.92 -14.25 -6.27
CA ASN B 300 -6.56 -15.54 -6.55
C ASN B 300 -6.56 -15.90 -8.02
N TYR B 301 -5.49 -16.53 -8.45
CA TYR B 301 -5.35 -16.90 -9.87
C TYR B 301 -4.31 -17.99 -9.92
N TYR B 302 -4.63 -19.11 -10.54
CA TYR B 302 -3.66 -20.22 -10.69
C TYR B 302 -4.05 -21.09 -11.86
N ALA B 303 -3.10 -21.92 -12.30
CA ALA B 303 -3.38 -22.99 -13.23
C ALA B 303 -4.03 -22.58 -14.57
N PRO B 304 -3.53 -21.49 -15.20
CA PRO B 304 -4.14 -21.08 -16.46
C PRO B 304 -3.86 -22.19 -17.54
N GLN B 305 -4.82 -22.36 -18.42
CA GLN B 305 -4.65 -23.22 -19.61
C GLN B 305 -5.01 -22.33 -20.77
N SER B 306 -4.29 -22.45 -21.89
CA SER B 306 -4.72 -21.69 -23.05
C SER B 306 -4.97 -22.65 -24.20
N PHE B 307 -5.68 -22.15 -25.21
CA PHE B 307 -5.91 -22.93 -26.40
C PHE B 307 -5.95 -21.99 -27.61
N ASN B 308 -5.76 -22.58 -28.80
CA ASN B 308 -5.69 -21.84 -30.05
C ASN B 308 -6.90 -22.11 -30.90
N VAL B 309 -7.53 -21.06 -31.42
CA VAL B 309 -8.63 -21.17 -32.36
C VAL B 309 -8.42 -20.08 -33.44
N ASP B 310 -8.23 -20.50 -34.69
CA ASP B 310 -8.14 -19.53 -35.80
C ASP B 310 -7.17 -18.39 -35.55
N GLY B 311 -5.99 -18.67 -35.03
CA GLY B 311 -5.00 -17.63 -34.87
C GLY B 311 -5.13 -16.88 -33.55
N ARG B 312 -6.17 -17.18 -32.78
CA ARG B 312 -6.37 -16.57 -31.45
C ARG B 312 -5.86 -17.55 -30.37
N GLN B 313 -5.21 -17.02 -29.35
CA GLN B 313 -4.79 -17.85 -28.23
C GLN B 313 -5.55 -17.34 -27.01
N ILE B 314 -6.46 -18.16 -26.54
CA ILE B 314 -7.38 -17.76 -25.42
C ILE B 314 -6.98 -18.47 -24.12
N VAL B 315 -7.06 -17.77 -22.96
CA VAL B 315 -6.61 -18.37 -21.75
C VAL B 315 -7.69 -18.14 -20.65
N TYR B 316 -7.98 -19.19 -19.89
CA TYR B 316 -8.70 -19.08 -18.63
C TYR B 316 -7.81 -19.38 -17.45
N GLY B 317 -8.08 -18.76 -16.28
CA GLY B 317 -7.42 -19.22 -15.09
C GLY B 317 -8.43 -19.65 -14.06
N TRP B 318 -7.95 -20.38 -13.07
CA TRP B 318 -8.77 -20.68 -11.91
C TRP B 318 -8.49 -19.64 -10.87
N MET B 319 -9.57 -19.07 -10.32
CA MET B 319 -9.39 -18.11 -9.19
C MET B 319 -9.20 -18.98 -7.94
N SER B 320 -7.93 -19.17 -7.55
CA SER B 320 -7.56 -20.19 -6.55
C SER B 320 -7.66 -19.59 -5.15
N PRO B 321 -8.39 -20.22 -4.24
CA PRO B 321 -8.35 -19.78 -2.85
C PRO B 321 -7.40 -20.64 -2.01
N PHE B 322 -6.18 -20.19 -1.88
CA PHE B 322 -5.17 -20.96 -1.12
C PHE B 322 -5.07 -20.59 0.36
N VAL B 323 -5.69 -19.47 0.72
CA VAL B 323 -5.41 -18.91 2.05
C VAL B 323 -6.71 -18.84 2.87
N GLN B 324 -6.67 -19.31 4.10
CA GLN B 324 -7.81 -19.22 5.01
C GLN B 324 -8.03 -17.80 5.53
N PRO B 325 -9.27 -17.46 5.90
CA PRO B 325 -10.50 -18.28 5.74
C PRO B 325 -11.10 -18.21 4.34
N ILE B 326 -11.84 -19.27 3.93
CA ILE B 326 -12.50 -19.32 2.58
C ILE B 326 -14.04 -19.41 2.74
N PRO B 327 -14.68 -18.25 3.01
CA PRO B 327 -16.09 -18.13 3.40
C PRO B 327 -17.06 -18.85 2.44
N MET B 328 -16.75 -18.83 1.14
CA MET B 328 -17.67 -19.40 0.15
C MET B 328 -17.82 -20.90 0.28
N GLU B 329 -16.83 -21.58 0.85
CA GLU B 329 -16.89 -23.04 0.99
C GLU B 329 -18.08 -23.54 1.89
N ASP B 330 -18.67 -22.65 2.67
CA ASP B 330 -19.82 -23.03 3.49
CA ASP B 330 -19.82 -22.99 3.49
C ASP B 330 -21.14 -22.88 2.70
N ASP B 331 -21.02 -22.51 1.42
CA ASP B 331 -22.19 -22.07 0.59
C ASP B 331 -22.59 -23.07 -0.49
N GLY B 332 -21.98 -24.25 -0.49
CA GLY B 332 -22.33 -25.30 -1.47
C GLY B 332 -21.55 -25.26 -2.76
N TRP B 333 -20.54 -24.37 -2.85
CA TRP B 333 -19.68 -24.26 -4.04
C TRP B 333 -18.35 -23.71 -3.58
N CYS B 334 -17.33 -23.87 -4.41
CA CYS B 334 -16.07 -23.18 -4.12
C CYS B 334 -15.26 -23.08 -5.37
N GLY B 335 -14.95 -21.84 -5.70
CA GLY B 335 -14.10 -21.57 -6.86
C GLY B 335 -14.85 -21.20 -8.13
N GLN B 336 -14.24 -20.28 -8.86
CA GLN B 336 -14.72 -19.92 -10.15
C GLN B 336 -13.52 -19.71 -11.09
N LEU B 337 -13.81 -19.70 -12.37
CA LEU B 337 -12.82 -19.27 -13.36
C LEU B 337 -12.81 -17.75 -13.63
N THR B 338 -11.72 -17.25 -14.19
CA THR B 338 -11.65 -15.88 -14.68
C THR B 338 -12.52 -15.77 -15.98
N LEU B 339 -12.77 -14.56 -16.42
CA LEU B 339 -13.21 -14.38 -17.80
C LEU B 339 -12.12 -14.91 -18.76
N PRO B 340 -12.54 -15.30 -19.94
CA PRO B 340 -11.64 -15.69 -21.05
C PRO B 340 -10.84 -14.46 -21.50
N ARG B 341 -9.53 -14.60 -21.67
CA ARG B 341 -8.65 -13.54 -22.05
C ARG B 341 -7.91 -14.01 -23.30
N GLU B 342 -7.61 -13.05 -24.17
CA GLU B 342 -6.89 -13.27 -25.42
C GLU B 342 -5.41 -12.93 -25.19
N ILE B 343 -4.50 -13.78 -25.61
CA ILE B 343 -3.07 -13.50 -25.40
C ILE B 343 -2.49 -12.81 -26.65
N THR B 344 -1.87 -11.64 -26.46
CA THR B 344 -1.20 -10.96 -27.55
C THR B 344 0.12 -10.45 -27.00
N LEU B 345 0.97 -9.93 -27.86
CA LEU B 345 2.17 -9.24 -27.45
C LEU B 345 1.90 -7.75 -27.68
N GLY B 346 2.30 -6.93 -26.72
CA GLY B 346 2.12 -5.49 -26.83
C GLY B 346 3.28 -4.78 -27.47
N ASP B 347 3.21 -3.45 -27.44
CA ASP B 347 4.14 -2.65 -28.19
C ASP B 347 5.53 -2.75 -27.59
N ASP B 348 5.59 -2.98 -26.28
CA ASP B 348 6.87 -3.21 -25.63
C ASP B 348 7.37 -4.65 -25.80
N GLY B 349 6.60 -5.51 -26.45
CA GLY B 349 6.96 -6.93 -26.58
C GLY B 349 6.56 -7.84 -25.41
N ASP B 350 5.83 -7.32 -24.43
CA ASP B 350 5.42 -8.15 -23.32
C ASP B 350 4.05 -8.72 -23.66
N VAL B 351 3.68 -9.81 -23.00
CA VAL B 351 2.37 -10.38 -23.08
C VAL B 351 1.28 -9.44 -22.55
N VAL B 352 0.14 -9.43 -23.25
CA VAL B 352 -1.04 -8.65 -22.89
C VAL B 352 -2.17 -9.64 -22.88
N THR B 353 -3.04 -9.59 -21.86
CA THR B 353 -4.16 -10.49 -21.84
C THR B 353 -5.46 -9.69 -21.57
N ALA B 354 -5.94 -8.98 -22.58
CA ALA B 354 -7.26 -8.35 -22.52
C ALA B 354 -8.39 -9.36 -22.46
N PRO B 355 -9.57 -8.98 -21.88
CA PRO B 355 -10.73 -9.87 -22.07
C PRO B 355 -10.97 -10.11 -23.57
N VAL B 356 -11.43 -11.32 -23.93
CA VAL B 356 -11.78 -11.62 -25.32
C VAL B 356 -12.86 -10.61 -25.74
N ALA B 357 -12.82 -10.23 -27.01
CA ALA B 357 -13.81 -9.28 -27.57
C ALA B 357 -15.27 -9.67 -27.36
N GLU B 358 -15.54 -10.97 -27.23
CA GLU B 358 -16.91 -11.41 -27.03
C GLU B 358 -17.43 -10.89 -25.70
N MET B 359 -16.53 -10.57 -24.76
CA MET B 359 -17.03 -10.12 -23.40
C MET B 359 -17.80 -8.83 -23.46
N GLU B 360 -17.60 -8.02 -24.50
CA GLU B 360 -18.44 -6.87 -24.67
C GLU B 360 -19.96 -7.24 -24.69
N GLY B 361 -20.29 -8.44 -25.11
CA GLY B 361 -21.71 -8.82 -25.23
C GLY B 361 -22.33 -9.06 -23.84
N LEU B 362 -21.53 -8.99 -22.77
CA LEU B 362 -22.08 -9.07 -21.39
C LEU B 362 -22.84 -7.79 -20.98
N ARG B 363 -22.58 -6.68 -21.66
CA ARG B 363 -23.08 -5.40 -21.22
C ARG B 363 -24.58 -5.29 -21.54
N GLU B 364 -25.40 -5.03 -20.51
CA GLU B 364 -26.86 -4.86 -20.67
C GLU B 364 -27.17 -3.43 -21.04
N ASP B 365 -26.28 -2.49 -20.69
CA ASP B 365 -26.56 -1.04 -20.78
C ASP B 365 -25.22 -0.34 -20.64
N THR B 366 -25.21 0.99 -20.83
CA THR B 366 -24.06 1.82 -20.54
C THR B 366 -24.58 3.03 -19.83
N LEU B 367 -24.05 3.27 -18.65
CA LEU B 367 -24.29 4.51 -17.93
C LEU B 367 -23.02 5.30 -18.06
N ASP B 368 -23.04 6.26 -18.97
CA ASP B 368 -21.85 7.03 -19.29
C ASP B 368 -21.86 8.22 -18.41
N HIS B 369 -20.86 8.31 -17.54
CA HIS B 369 -20.68 9.47 -16.72
C HIS B 369 -19.95 10.64 -17.39
N GLY B 370 -19.35 10.45 -18.57
CA GLY B 370 -18.50 11.47 -19.17
C GLY B 370 -17.20 11.59 -18.37
N SER B 371 -16.63 12.80 -18.33
CA SER B 371 -15.43 13.04 -17.54
C SER B 371 -15.89 13.51 -16.17
N VAL B 372 -15.14 13.13 -15.14
CA VAL B 372 -15.49 13.43 -13.76
C VAL B 372 -14.20 14.00 -13.14
N THR B 373 -14.31 15.07 -12.36
CA THR B 373 -13.19 15.61 -11.59
C THR B 373 -13.54 15.59 -10.09
N LEU B 374 -12.59 15.15 -9.27
CA LEU B 374 -12.59 15.45 -7.85
C LEU B 374 -11.48 16.47 -7.66
N ASP B 375 -11.81 17.66 -7.14
CA ASP B 375 -10.84 18.72 -6.95
C ASP B 375 -9.86 18.47 -5.82
N MET B 376 -10.19 17.54 -4.93
CA MET B 376 -9.40 17.29 -3.70
C MET B 376 -9.85 15.96 -3.18
N ASP B 377 -9.21 15.51 -2.08
CA ASP B 377 -9.53 14.25 -1.46
C ASP B 377 -11.07 14.13 -1.33
N GLY B 378 -11.66 13.02 -1.76
CA GLY B 378 -13.10 12.89 -1.67
C GLY B 378 -13.58 11.60 -2.33
N GLU B 379 -14.89 11.39 -2.39
CA GLU B 379 -15.46 10.21 -3.02
C GLU B 379 -16.80 10.59 -3.65
N GLN B 380 -17.12 9.95 -4.78
CA GLN B 380 -18.42 10.13 -5.42
C GLN B 380 -19.08 8.77 -5.52
N ILE B 381 -20.39 8.70 -5.34
CA ILE B 381 -21.06 7.43 -5.48
C ILE B 381 -21.32 7.11 -6.95
N ILE B 382 -20.94 5.92 -7.36
CA ILE B 382 -21.06 5.45 -8.75
C ILE B 382 -22.23 4.44 -8.73
N ALA B 383 -22.37 3.64 -7.65
CA ALA B 383 -23.52 2.74 -7.53
C ALA B 383 -23.83 2.61 -6.04
N ASP B 384 -25.09 2.39 -5.71
CA ASP B 384 -25.49 2.15 -4.31
CA ASP B 384 -25.43 2.15 -4.31
C ASP B 384 -25.57 0.64 -4.05
N ASP B 385 -25.83 -0.13 -5.09
CA ASP B 385 -25.93 -1.58 -4.89
C ASP B 385 -25.61 -2.31 -6.17
N ALA B 386 -24.33 -2.51 -6.43
CA ALA B 386 -23.84 -3.11 -7.66
C ALA B 386 -23.43 -4.57 -7.41
N GLU B 387 -24.21 -5.48 -7.98
CA GLU B 387 -24.07 -6.91 -7.81
C GLU B 387 -23.09 -7.46 -8.92
N ALA B 388 -23.28 -7.01 -10.14
CA ALA B 388 -22.47 -7.60 -11.24
C ALA B 388 -22.36 -6.51 -12.31
N VAL B 389 -21.23 -5.81 -12.32
CA VAL B 389 -21.06 -4.63 -13.19
C VAL B 389 -19.64 -4.58 -13.72
N GLU B 390 -19.47 -3.87 -14.84
CA GLU B 390 -18.19 -3.55 -15.36
C GLU B 390 -18.01 -2.05 -15.34
N ILE B 391 -16.89 -1.58 -14.83
CA ILE B 391 -16.60 -0.14 -14.85
C ILE B 391 -15.36 0.10 -15.75
N GLU B 392 -15.52 0.95 -16.76
CA GLU B 392 -14.38 1.36 -17.57
C GLU B 392 -14.04 2.76 -17.23
N MET B 393 -12.77 3.01 -16.95
CA MET B 393 -12.36 4.34 -16.64
C MET B 393 -10.97 4.65 -17.17
N THR B 394 -10.78 5.91 -17.58
CA THR B 394 -9.46 6.42 -17.96
C THR B 394 -9.05 7.57 -17.05
N ILE B 395 -7.96 7.39 -16.30
CA ILE B 395 -7.42 8.40 -15.42
C ILE B 395 -6.45 9.27 -16.16
N ASP B 396 -6.58 10.60 -16.00
CA ASP B 396 -5.61 11.51 -16.58
C ASP B 396 -4.50 11.53 -15.55
N LEU B 397 -3.44 10.77 -15.78
CA LEU B 397 -2.30 10.75 -14.83
C LEU B 397 -1.61 12.07 -14.81
N ALA B 398 -1.58 12.72 -15.96
CA ALA B 398 -0.86 13.99 -16.06
C ALA B 398 -1.47 15.09 -15.19
N ALA B 399 -2.79 15.11 -15.03
CA ALA B 399 -3.45 16.20 -14.32
C ALA B 399 -3.80 15.88 -12.86
N SER B 400 -3.93 14.60 -12.52
CA SER B 400 -4.40 14.22 -11.17
C SER B 400 -3.25 14.32 -10.16
N THR B 401 -3.42 15.15 -9.14
CA THR B 401 -2.43 15.23 -8.09
C THR B 401 -2.65 14.16 -6.96
N ALA B 402 -3.76 13.41 -6.96
CA ALA B 402 -4.03 12.40 -5.96
C ALA B 402 -2.83 11.45 -5.78
N GLU B 403 -2.52 11.09 -4.54
CA GLU B 403 -1.44 10.10 -4.27
C GLU B 403 -1.90 8.73 -4.51
N ARG B 404 -3.21 8.50 -4.40
CA ARG B 404 -3.80 7.18 -4.61
C ARG B 404 -5.24 7.45 -4.97
N ALA B 405 -5.79 6.69 -5.91
CA ALA B 405 -7.15 6.98 -6.41
C ALA B 405 -7.69 5.81 -7.16
N GLY B 406 -9.00 5.60 -7.09
CA GLY B 406 -9.56 4.52 -7.85
C GLY B 406 -10.98 4.28 -7.36
N LEU B 407 -11.31 2.99 -7.22
CA LEU B 407 -12.66 2.56 -6.86
C LEU B 407 -12.68 1.74 -5.61
N LYS B 408 -13.58 2.08 -4.69
CA LYS B 408 -13.99 1.12 -3.70
C LYS B 408 -15.19 0.34 -4.22
N ILE B 409 -15.08 -0.98 -4.22
CA ILE B 409 -16.17 -1.83 -4.69
C ILE B 409 -16.67 -2.68 -3.50
N HIS B 410 -17.82 -3.31 -3.64
CA HIS B 410 -18.40 -4.05 -2.51
C HIS B 410 -18.37 -3.22 -1.21
N ALA B 411 -18.68 -1.93 -1.33
CA ALA B 411 -18.59 -0.97 -0.26
C ALA B 411 -19.91 -1.00 0.53
N THR B 412 -19.89 -1.72 1.64
CA THR B 412 -21.11 -2.03 2.36
C THR B 412 -21.35 -1.14 3.55
N GLU B 413 -22.51 -1.32 4.19
CA GLU B 413 -22.97 -0.43 5.29
C GLU B 413 -22.08 -0.46 6.52
N ASP B 414 -21.40 -1.57 6.72
CA ASP B 414 -20.47 -1.75 7.85
C ASP B 414 -19.13 -1.04 7.64
N GLY B 415 -18.93 -0.45 6.49
CA GLY B 415 -17.67 0.22 6.24
C GLY B 415 -16.66 -0.65 5.56
N ALA B 416 -16.99 -1.92 5.28
CA ALA B 416 -16.09 -2.78 4.51
C ALA B 416 -16.10 -2.45 3.01
N TYR B 417 -14.97 -2.68 2.35
CA TYR B 417 -14.88 -2.55 0.91
C TYR B 417 -13.58 -3.19 0.43
N THR B 418 -13.46 -3.35 -0.89
CA THR B 418 -12.19 -3.70 -1.55
C THR B 418 -11.81 -2.52 -2.42
N TYR B 419 -10.52 -2.14 -2.40
CA TYR B 419 -10.11 -0.93 -3.03
C TYR B 419 -9.26 -1.29 -4.26
N VAL B 420 -9.66 -0.79 -5.40
CA VAL B 420 -8.86 -0.90 -6.61
C VAL B 420 -8.28 0.48 -6.93
N ALA B 421 -6.95 0.61 -6.86
CA ALA B 421 -6.39 1.95 -6.94
C ALA B 421 -5.06 2.02 -7.67
N TYR B 422 -4.84 3.13 -8.34
CA TYR B 422 -3.51 3.53 -8.71
C TYR B 422 -2.76 4.13 -7.51
N ASP B 423 -1.53 3.64 -7.23
CA ASP B 423 -0.79 4.14 -6.08
C ASP B 423 0.44 4.82 -6.62
N GLY B 424 0.52 6.16 -6.50
CA GLY B 424 1.61 6.94 -7.15
C GLY B 424 2.94 6.90 -6.40
N GLN B 425 2.93 6.37 -5.17
CA GLN B 425 4.22 6.23 -4.46
C GLN B 425 5.01 5.01 -4.90
N ILE B 426 4.31 3.93 -5.22
CA ILE B 426 4.95 2.68 -5.75
C ILE B 426 4.86 2.58 -7.25
N GLY B 427 3.98 3.38 -7.86
CA GLY B 427 3.84 3.37 -9.33
C GLY B 427 3.19 2.07 -9.77
N ARG B 428 2.13 1.68 -9.09
CA ARG B 428 1.49 0.41 -9.41
C ARG B 428 -0.01 0.51 -9.31
N VAL B 429 -0.69 -0.49 -9.84
CA VAL B 429 -2.12 -0.63 -9.58
C VAL B 429 -2.32 -1.69 -8.53
N VAL B 430 -3.11 -1.37 -7.51
CA VAL B 430 -3.32 -2.31 -6.36
C VAL B 430 -4.77 -2.78 -6.22
N VAL B 431 -4.94 -4.01 -5.76
CA VAL B 431 -6.21 -4.43 -5.17
C VAL B 431 -5.95 -4.63 -3.70
N ASP B 432 -6.62 -3.82 -2.84
CA ASP B 432 -6.30 -3.83 -1.42
C ASP B 432 -7.58 -4.26 -0.66
N ARG B 433 -7.50 -5.36 0.11
CA ARG B 433 -8.64 -5.89 0.85
C ARG B 433 -8.56 -5.61 2.33
N GLN B 434 -7.62 -4.75 2.76
CA GLN B 434 -7.51 -4.47 4.23
C GLN B 434 -8.84 -4.23 4.97
N ALA B 435 -9.81 -3.57 4.31
CA ALA B 435 -11.07 -3.20 4.96
C ALA B 435 -12.19 -4.27 4.82
N MET B 436 -11.94 -5.39 4.13
CA MET B 436 -12.94 -6.46 3.98
C MET B 436 -13.27 -7.15 5.31
N ALA B 437 -14.54 -7.46 5.48
CA ALA B 437 -14.99 -8.11 6.69
C ALA B 437 -15.08 -9.64 6.60
N ASN B 438 -14.82 -10.22 5.41
CA ASN B 438 -14.84 -11.67 5.27
C ASN B 438 -13.71 -11.97 4.31
N GLY B 439 -13.07 -13.12 4.53
CA GLY B 439 -12.02 -13.66 3.66
C GLY B 439 -10.69 -13.12 4.13
N ASP B 440 -9.58 -13.69 3.65
CA ASP B 440 -8.28 -13.10 3.96
C ASP B 440 -8.06 -11.80 3.22
N ARG B 441 -7.15 -10.99 3.73
CA ARG B 441 -7.11 -9.59 3.30
C ARG B 441 -5.88 -9.31 2.50
N GLY B 442 -5.09 -8.29 2.85
CA GLY B 442 -3.80 -8.09 2.19
C GLY B 442 -4.03 -7.32 0.88
N TYR B 443 -2.96 -7.03 0.17
CA TYR B 443 -3.09 -6.35 -1.12
C TYR B 443 -2.10 -6.93 -2.10
N ARG B 444 -2.33 -6.63 -3.37
CA ARG B 444 -1.49 -7.12 -4.46
C ARG B 444 -1.28 -5.93 -5.37
N ALA B 445 -0.07 -5.80 -5.92
CA ALA B 445 0.34 -4.59 -6.72
C ALA B 445 0.98 -5.02 -8.03
N ALA B 446 0.33 -4.61 -9.11
CA ALA B 446 0.77 -4.93 -10.47
C ALA B 446 1.68 -3.84 -10.97
N PRO B 447 2.79 -4.20 -11.63
CA PRO B 447 3.81 -3.23 -12.04
C PRO B 447 3.29 -2.38 -13.21
N LEU B 448 3.77 -1.15 -13.24
CA LEU B 448 3.68 -0.30 -14.43
C LEU B 448 5.07 0.02 -14.93
N THR B 449 5.28 -0.02 -16.26
CA THR B 449 6.62 0.31 -16.75
C THR B 449 6.88 1.81 -16.67
N ASP B 450 8.12 2.19 -16.89
CA ASP B 450 8.47 3.60 -16.92
C ASP B 450 7.66 4.38 -17.95
N ALA B 451 7.50 3.84 -19.17
CA ALA B 451 6.64 4.47 -20.20
C ALA B 451 5.16 4.59 -19.78
N GLU B 452 4.61 3.55 -19.13
CA GLU B 452 3.21 3.63 -18.62
C GLU B 452 3.09 4.70 -17.57
N LEU B 453 4.14 4.88 -16.77
CA LEU B 453 4.11 5.87 -15.71
C LEU B 453 4.30 7.31 -16.23
N ALA B 454 5.07 7.47 -17.31
CA ALA B 454 5.23 8.78 -17.99
C ALA B 454 4.12 9.08 -19.00
N SER B 455 3.31 8.09 -19.28
CA SER B 455 2.15 8.29 -20.09
C SER B 455 1.17 9.29 -19.38
N GLY B 456 0.38 9.99 -20.17
CA GLY B 456 -0.62 10.88 -19.59
C GLY B 456 -1.85 10.18 -19.05
N LYS B 457 -2.04 8.89 -19.37
CA LYS B 457 -3.31 8.19 -19.09
C LYS B 457 -3.11 6.80 -18.52
N LEU B 458 -4.09 6.35 -17.75
CA LEU B 458 -4.08 4.99 -17.20
C LEU B 458 -5.49 4.50 -17.42
N ASP B 459 -5.61 3.38 -18.14
CA ASP B 459 -6.94 2.75 -18.31
C ASP B 459 -7.15 1.57 -17.37
N LEU B 460 -8.35 1.50 -16.78
CA LEU B 460 -8.80 0.45 -15.89
C LEU B 460 -10.13 -0.06 -16.42
N ARG B 461 -10.25 -1.36 -16.43
CA ARG B 461 -11.51 -2.01 -16.78
C ARG B 461 -11.71 -3.03 -15.69
N VAL B 462 -12.72 -2.78 -14.84
CA VAL B 462 -12.93 -3.47 -13.58
C VAL B 462 -14.23 -4.23 -13.62
N PHE B 463 -14.15 -5.56 -13.45
CA PHE B 463 -15.36 -6.40 -13.44
C PHE B 463 -15.61 -6.81 -12.04
N VAL B 464 -16.76 -6.41 -11.54
CA VAL B 464 -17.20 -6.84 -10.22
C VAL B 464 -18.30 -7.90 -10.36
N ASP B 465 -18.16 -9.02 -9.68
CA ASP B 465 -19.17 -10.07 -9.70
C ASP B 465 -19.50 -10.29 -8.21
N ARG B 466 -20.38 -11.22 -7.88
CA ARG B 466 -20.93 -11.24 -6.51
C ARG B 466 -19.87 -11.54 -5.47
N GLY B 467 -18.79 -12.19 -5.90
CA GLY B 467 -17.76 -12.66 -4.99
C GLY B 467 -16.36 -12.30 -5.41
N SER B 468 -16.21 -11.39 -6.38
CA SER B 468 -14.88 -11.22 -7.00
C SER B 468 -14.73 -9.90 -7.74
N VAL B 469 -13.47 -9.55 -7.95
CA VAL B 469 -13.14 -8.43 -8.79
C VAL B 469 -11.99 -8.84 -9.76
N GLU B 470 -12.02 -8.32 -10.97
CA GLU B 470 -10.90 -8.52 -11.95
C GLU B 470 -10.59 -7.17 -12.49
N VAL B 471 -9.31 -6.79 -12.45
CA VAL B 471 -8.94 -5.47 -12.86
C VAL B 471 -7.98 -5.59 -14.03
N TYR B 472 -8.41 -5.08 -15.18
CA TYR B 472 -7.59 -5.12 -16.39
C TYR B 472 -6.93 -3.76 -16.57
N VAL B 473 -5.59 -3.74 -16.50
CA VAL B 473 -4.85 -2.51 -16.53
C VAL B 473 -4.29 -2.23 -17.92
N ASN B 474 -4.54 -1.03 -18.45
CA ASN B 474 -4.03 -0.65 -19.77
C ASN B 474 -4.31 -1.73 -20.86
N GLY B 475 -5.57 -2.11 -20.98
CA GLY B 475 -6.07 -3.10 -21.93
C GLY B 475 -5.63 -4.54 -21.66
N GLY B 476 -5.36 -4.89 -20.41
CA GLY B 476 -4.83 -6.21 -20.06
C GLY B 476 -3.31 -6.37 -20.11
N HIS B 477 -2.54 -5.27 -20.19
CA HIS B 477 -1.09 -5.35 -20.02
C HIS B 477 -0.79 -5.95 -18.62
N GLN B 478 -1.59 -5.60 -17.61
CA GLN B 478 -1.55 -6.39 -16.36
C GLN B 478 -2.99 -6.67 -15.97
N VAL B 479 -3.18 -7.73 -15.21
CA VAL B 479 -4.51 -8.03 -14.67
C VAL B 479 -4.36 -8.43 -13.23
N LEU B 480 -5.32 -8.04 -12.39
CA LEU B 480 -5.42 -8.53 -11.00
C LEU B 480 -6.78 -9.19 -10.75
N SER B 481 -6.80 -10.48 -10.35
CA SER B 481 -8.05 -11.16 -10.07
C SER B 481 -7.99 -11.56 -8.61
N SER B 482 -9.05 -11.20 -7.88
CA SER B 482 -9.07 -11.43 -6.42
C SER B 482 -10.49 -11.68 -5.98
N TYR B 483 -10.67 -12.61 -5.02
CA TYR B 483 -11.97 -12.76 -4.41
C TYR B 483 -12.23 -11.55 -3.55
N SER B 484 -13.50 -11.16 -3.44
CA SER B 484 -13.94 -10.08 -2.57
C SER B 484 -15.33 -10.52 -2.04
N TYR B 485 -15.33 -11.05 -0.82
CA TYR B 485 -16.51 -11.53 -0.15
C TYR B 485 -17.33 -10.44 0.53
N ALA B 486 -18.11 -9.70 -0.27
CA ALA B 486 -18.94 -8.63 0.18
C ALA B 486 -19.75 -8.99 1.43
N SER B 487 -19.82 -8.04 2.35
CA SER B 487 -20.72 -8.16 3.53
C SER B 487 -22.18 -8.02 3.08
N GLU B 488 -23.10 -8.08 4.04
CA GLU B 488 -24.53 -8.03 3.70
C GLU B 488 -24.97 -6.61 3.29
N GLY B 489 -26.13 -6.54 2.65
CA GLY B 489 -26.81 -5.29 2.38
C GLY B 489 -26.34 -4.72 1.04
N PRO B 490 -26.69 -3.47 0.76
CA PRO B 490 -26.36 -2.89 -0.53
C PRO B 490 -24.87 -2.69 -0.66
N ARG B 491 -24.34 -2.91 -1.88
CA ARG B 491 -22.91 -2.94 -2.17
C ARG B 491 -22.57 -1.77 -3.08
N ALA B 492 -22.07 -0.72 -2.47
CA ALA B 492 -21.80 0.50 -3.23
C ALA B 492 -20.49 0.40 -3.97
N ILE B 493 -20.41 1.25 -4.97
CA ILE B 493 -19.18 1.56 -5.71
C ILE B 493 -18.94 3.03 -5.62
N LYS B 494 -17.72 3.38 -5.15
CA LYS B 494 -17.37 4.78 -4.97
C LYS B 494 -16.09 5.09 -5.76
N LEU B 495 -16.07 6.24 -6.42
CA LEU B 495 -14.86 6.78 -7.04
C LEU B 495 -14.11 7.59 -5.95
N VAL B 496 -12.80 7.41 -5.81
CA VAL B 496 -12.08 7.91 -4.65
C VAL B 496 -10.79 8.56 -5.07
N ALA B 497 -10.53 9.75 -4.54
CA ALA B 497 -9.25 10.46 -4.67
C ALA B 497 -8.70 10.61 -3.27
N GLU B 498 -7.43 10.27 -3.05
CA GLU B 498 -6.77 10.56 -1.79
C GLU B 498 -5.67 11.58 -1.90
N SER B 499 -5.79 12.61 -1.08
CA SER B 499 -4.73 13.60 -0.88
C SER B 499 -4.36 14.44 -2.14
N GLY B 500 -5.31 14.67 -3.04
CA GLY B 500 -5.04 15.49 -4.24
C GLY B 500 -6.22 15.29 -5.21
N SER B 501 -6.14 15.90 -6.38
CA SER B 501 -7.23 15.84 -7.34
C SER B 501 -7.24 14.53 -8.18
N LEU B 502 -8.37 14.24 -8.79
CA LEU B 502 -8.49 13.13 -9.71
C LEU B 502 -9.30 13.58 -10.92
N LYS B 503 -8.69 13.52 -12.09
CA LYS B 503 -9.39 13.84 -13.35
C LYS B 503 -9.58 12.53 -14.07
N VAL B 504 -10.82 12.18 -14.36
CA VAL B 504 -11.13 10.96 -15.08
C VAL B 504 -11.71 11.41 -16.41
N ASP B 505 -11.13 10.96 -17.54
CA ASP B 505 -11.54 11.49 -18.84
C ASP B 505 -12.83 10.83 -19.30
N SER B 506 -13.03 9.60 -18.83
CA SER B 506 -14.15 8.84 -19.19
C SER B 506 -14.38 7.82 -18.10
N LEU B 507 -15.64 7.69 -17.71
CA LEU B 507 -16.07 6.73 -16.75
CA LEU B 507 -16.09 6.71 -16.73
C LEU B 507 -17.43 6.17 -17.19
N LYS B 508 -17.52 4.85 -17.35
CA LYS B 508 -18.78 4.24 -17.84
C LYS B 508 -19.05 3.03 -16.95
N LEU B 509 -20.31 2.80 -16.59
CA LEU B 509 -20.67 1.58 -15.91
C LEU B 509 -21.57 0.80 -16.82
N HIS B 510 -21.41 -0.52 -16.79
CA HIS B 510 -22.30 -1.42 -17.50
C HIS B 510 -22.82 -2.50 -16.57
N HIS B 511 -24.14 -2.69 -16.52
CA HIS B 511 -24.62 -3.85 -15.79
C HIS B 511 -24.38 -5.10 -16.62
N MET B 512 -24.04 -6.22 -15.95
CA MET B 512 -23.67 -7.50 -16.61
C MET B 512 -24.81 -8.46 -16.65
N LYS B 513 -24.94 -9.14 -17.78
CA LYS B 513 -25.95 -10.15 -17.99
C LYS B 513 -25.50 -11.43 -17.24
N SER B 514 -26.46 -12.30 -16.95
CA SER B 514 -26.11 -13.61 -16.40
C SER B 514 -25.62 -14.47 -17.60
N ILE B 515 -24.65 -15.35 -17.39
CA ILE B 515 -24.20 -16.23 -18.50
C ILE B 515 -24.98 -17.55 -18.54
N GLY B 516 -25.98 -17.63 -17.69
CA GLY B 516 -26.95 -18.72 -17.65
C GLY B 516 -26.50 -19.91 -16.85
N LEU B 517 -25.45 -19.79 -16.06
CA LEU B 517 -24.96 -20.95 -15.34
C LEU B 517 -25.37 -20.98 -13.86
N GLU B 518 -25.97 -19.91 -13.38
CA GLU B 518 -26.35 -19.78 -11.95
C GLU B 518 -27.73 -20.31 -11.72
N LEU B 519 -28.42 -20.56 -12.83
CA LEU B 519 -29.78 -21.07 -12.79
C LEU B 519 -29.89 -22.36 -11.93
N GLU B 520 -30.88 -22.38 -11.05
CA GLU B 520 -31.09 -23.51 -10.15
C GLU B 520 -32.54 -23.50 -9.65
N HIS B 521 -33.30 -24.52 -10.02
CA HIS B 521 -34.75 -24.50 -9.83
C HIS B 521 -35.26 -24.59 -8.39
N HIS B 522 -34.38 -24.87 -7.43
CA HIS B 522 -34.78 -24.82 -6.02
C HIS B 522 -34.67 -23.40 -5.45
N HIS B 523 -34.16 -22.50 -6.28
CA HIS B 523 -34.01 -21.11 -5.88
C HIS B 523 -35.13 -20.29 -6.50
N HIS B 524 -36.14 -19.97 -5.67
CA HIS B 524 -37.30 -19.19 -6.12
C HIS B 524 -37.15 -17.70 -5.80
N HIS B 525 -36.99 -16.92 -6.86
CA HIS B 525 -37.06 -15.46 -6.80
C HIS B 525 -38.56 -15.33 -6.72
N HIS B 526 -39.02 -14.65 -5.71
CA HIS B 526 -40.35 -14.94 -5.27
C HIS B 526 -40.48 -14.22 -3.91
#